data_7BT5
#
_entry.id   7BT5
#
_cell.length_a   97.749
_cell.length_b   166.401
_cell.length_c   70.918
_cell.angle_alpha   90.000
_cell.angle_beta   90.000
_cell.angle_gamma   90.000
#
_symmetry.space_group_name_H-M   'P 21 21 2'
#
loop_
_entity.id
_entity.type
_entity.pdbx_description
1 polymer 'Lysine--tRNA ligase'
2 non-polymer LYSINE
3 non-polymer N4-[2-methoxy-4-[4-(4-methylpiperazin-1-yl)piperidin-1-yl]phenyl]-N2-(2-propan-2-ylsulfonylphenyl)-1,3,5-triazine-2,4-diamine
4 water water
#
_entity_poly.entity_id   1
_entity_poly.type   'polypeptide(L)'
_entity_poly.pdbx_seq_one_letter_code
;MEVDPRLYFENRSKFIQDQKDKGINPYPHKFERTISIPEFIEKYKDLGNGEHLEDTILNITGRIMRVSASGQKLRFFDLV
GDGEKIQVLANYSFHNHEKGNFAECYDKIRRGDIVGIVGFPGKSKKGELSIFPKETILLSACLHMLPMKYGLKDTEIRYR
QRYLDLLINESSRHTFVTRTKIINFLRNFLNERGFFEVETPMMNLIAGGANARPFITHHNDLDLDLYLRIATELPLKMLI
VGGIDKVYEIGKVFRNEGIDNTHNPEFTSCEFYWAYADYNDLIKWSEDFFSQLVYHLFGTYKISYNKDGPENQPIEIDFT
PPYPKVSIVEEIEKVTNTILEQPFDSNETIEKMINIIKEHKIELPNPPTAAKLLDQLASHFIENKYNDKPFFIVEHPQIM
SPLAKYHRTKPGLTERLEMFICGKEVLNAYTELNDPFKQKECFKLQQKDREKGDTEAAQLDSAFCTSLEYGLPPTGGLGL
GIDRITMFLTNKNSIKDVILFPTMRPANGGHHHHHH
;
_entity_poly.pdbx_strand_id   A,B
#
# COMPACT_ATOMS: atom_id res chain seq x y z
N VAL A 3 29.58 -18.56 30.79
CA VAL A 3 28.89 -18.83 29.54
C VAL A 3 28.73 -17.55 28.72
N ASP A 4 29.82 -17.10 28.11
CA ASP A 4 29.78 -15.88 27.32
C ASP A 4 29.03 -16.13 26.00
N PRO A 5 28.19 -15.17 25.57
CA PRO A 5 27.50 -15.36 24.29
C PRO A 5 28.44 -15.33 23.10
N ARG A 6 29.56 -14.61 23.20
CA ARG A 6 30.57 -14.64 22.15
C ARG A 6 31.16 -16.03 21.97
N LEU A 7 31.39 -16.74 23.07
CA LEU A 7 31.94 -18.08 22.99
C LEU A 7 30.96 -19.03 22.30
N TYR A 8 29.67 -18.88 22.60
CA TYR A 8 28.66 -19.73 21.97
C TYR A 8 28.64 -19.51 20.46
N PHE A 9 28.74 -18.26 20.02
CA PHE A 9 28.74 -17.96 18.59
C PHE A 9 29.98 -18.52 17.91
N GLU A 10 31.15 -18.40 18.56
CA GLU A 10 32.37 -18.89 17.97
C GLU A 10 32.41 -20.41 17.91
N ASN A 11 31.79 -21.07 18.88
CA ASN A 11 31.75 -22.54 18.87
C ASN A 11 30.90 -23.05 17.71
N ARG A 12 29.68 -22.54 17.58
CA ARG A 12 28.81 -22.97 16.49
C ARG A 12 29.34 -22.49 15.14
N SER A 13 30.05 -21.37 15.11
CA SER A 13 30.75 -20.98 13.89
C SER A 13 31.80 -22.01 13.53
N LYS A 14 32.58 -22.44 14.52
CA LYS A 14 33.53 -23.52 14.31
C LYS A 14 32.82 -24.82 13.96
N PHE A 15 31.64 -25.05 14.54
CA PHE A 15 30.87 -26.25 14.22
C PHE A 15 30.45 -26.24 12.74
N ILE A 16 30.08 -25.08 12.22
CA ILE A 16 29.67 -24.98 10.82
C ILE A 16 30.85 -25.30 9.91
N GLN A 17 32.02 -24.73 10.21
CA GLN A 17 33.21 -25.03 9.42
C GLN A 17 33.68 -26.45 9.67
N ASP A 18 33.40 -27.01 10.85
CA ASP A 18 33.73 -28.41 11.10
C ASP A 18 32.84 -29.34 10.29
N GLN A 19 31.63 -28.92 9.94
CA GLN A 19 30.76 -29.76 9.12
C GLN A 19 31.05 -29.59 7.63
N LYS A 20 31.61 -28.44 7.22
CA LYS A 20 32.04 -28.27 5.84
C LYS A 20 33.35 -28.97 5.58
N ASP A 21 34.20 -29.12 6.60
CA ASP A 21 35.46 -29.83 6.42
C ASP A 21 35.24 -31.34 6.38
N LYS A 22 34.21 -31.84 7.08
CA LYS A 22 33.83 -33.24 7.00
C LYS A 22 33.02 -33.56 5.76
N GLY A 23 32.75 -32.59 4.90
CA GLY A 23 32.05 -32.79 3.65
C GLY A 23 30.57 -32.49 3.67
N ILE A 24 30.00 -32.16 4.82
CA ILE A 24 28.56 -31.95 4.95
C ILE A 24 28.25 -30.47 4.68
N ASN A 25 27.23 -30.22 3.87
CA ASN A 25 26.80 -28.86 3.60
C ASN A 25 25.72 -28.48 4.61
N PRO A 26 26.02 -27.62 5.59
CA PRO A 26 24.99 -27.26 6.58
C PRO A 26 23.96 -26.27 6.06
N TYR A 27 24.13 -25.74 4.86
CA TYR A 27 23.15 -24.88 4.20
C TYR A 27 22.78 -25.46 2.85
N PRO A 28 21.99 -26.54 2.82
CA PRO A 28 21.57 -27.12 1.55
C PRO A 28 20.71 -26.16 0.76
N HIS A 29 20.64 -26.39 -0.55
CA HIS A 29 19.94 -25.45 -1.43
C HIS A 29 18.43 -25.60 -1.33
N LYS A 30 17.92 -26.81 -1.48
CA LYS A 30 16.49 -27.04 -1.46
C LYS A 30 16.16 -28.30 -0.68
N PHE A 31 15.09 -28.24 0.10
CA PHE A 31 14.50 -29.40 0.77
C PHE A 31 13.05 -29.47 0.34
N GLU A 32 12.68 -30.58 -0.31
CA GLU A 32 11.35 -30.72 -0.90
C GLU A 32 10.35 -31.05 0.20
N ARG A 33 9.66 -30.04 0.69
CA ARG A 33 8.67 -30.24 1.74
C ARG A 33 7.41 -30.88 1.18
N THR A 34 6.79 -31.76 1.98
CA THR A 34 5.54 -32.39 1.59
C THR A 34 4.33 -31.82 2.30
N ILE A 35 4.51 -31.18 3.46
CA ILE A 35 3.39 -30.69 4.25
C ILE A 35 3.92 -29.60 5.16
N SER A 36 3.07 -28.63 5.46
CA SER A 36 3.41 -27.59 6.42
C SER A 36 2.97 -28.03 7.82
N ILE A 37 3.54 -27.36 8.82
CA ILE A 37 3.18 -27.68 10.21
C ILE A 37 1.71 -27.40 10.50
N PRO A 38 1.12 -26.30 10.04
CA PRO A 38 -0.34 -26.16 10.22
C PRO A 38 -1.15 -27.25 9.53
N GLU A 39 -0.81 -27.60 8.29
CA GLU A 39 -1.51 -28.69 7.61
C GLU A 39 -1.29 -30.02 8.33
N PHE A 40 -0.08 -30.22 8.87
CA PHE A 40 0.21 -31.45 9.59
C PHE A 40 -0.61 -31.55 10.87
N ILE A 41 -0.80 -30.42 11.56
CA ILE A 41 -1.61 -30.42 12.79
C ILE A 41 -3.06 -30.76 12.47
N GLU A 42 -3.61 -30.12 11.43
CA GLU A 42 -5.01 -30.34 11.09
C GLU A 42 -5.26 -31.74 10.56
N LYS A 43 -4.30 -32.31 9.84
CA LYS A 43 -4.52 -33.61 9.20
C LYS A 43 -4.47 -34.77 10.17
N TYR A 44 -3.72 -34.65 11.28
CA TYR A 44 -3.48 -35.80 12.15
C TYR A 44 -3.78 -35.49 13.62
N LYS A 45 -4.61 -34.49 13.92
CA LYS A 45 -4.82 -34.11 15.31
C LYS A 45 -5.59 -35.15 16.11
N ASP A 46 -6.58 -35.81 15.50
CA ASP A 46 -7.54 -36.62 16.25
C ASP A 46 -7.32 -38.13 16.09
N LEU A 47 -6.07 -38.56 16.00
CA LEU A 47 -5.77 -39.99 16.03
C LEU A 47 -5.53 -40.45 17.46
N GLY A 48 -5.51 -41.77 17.65
CA GLY A 48 -5.40 -42.34 18.98
C GLY A 48 -4.06 -42.07 19.64
N ASN A 49 -4.07 -42.25 20.97
CA ASN A 49 -2.88 -42.04 21.81
C ASN A 49 -1.87 -43.16 21.58
N GLY A 50 -0.75 -42.83 20.95
CA GLY A 50 0.28 -43.80 20.65
C GLY A 50 0.17 -44.43 19.28
N GLU A 51 -0.81 -44.02 18.47
CA GLU A 51 -0.99 -44.56 17.14
C GLU A 51 0.07 -44.01 16.19
N HIS A 52 0.66 -44.90 15.39
CA HIS A 52 1.63 -44.51 14.38
C HIS A 52 1.11 -44.90 13.01
N LEU A 53 1.13 -43.94 12.08
CA LEU A 53 0.84 -44.22 10.67
C LEU A 53 2.15 -44.31 9.89
N GLU A 54 2.85 -45.42 10.12
CA GLU A 54 4.21 -45.64 9.64
C GLU A 54 4.31 -45.92 8.14
N ASP A 55 3.21 -45.90 7.39
CA ASP A 55 3.28 -46.10 5.95
C ASP A 55 3.44 -44.80 5.20
N THR A 56 2.94 -43.70 5.76
CA THR A 56 3.04 -42.40 5.11
C THR A 56 4.31 -41.72 5.56
N ILE A 57 5.21 -41.47 4.61
CA ILE A 57 6.45 -40.77 4.87
C ILE A 57 6.27 -39.33 4.42
N LEU A 58 6.65 -38.39 5.28
CA LEU A 58 6.46 -36.98 5.00
C LEU A 58 7.80 -36.26 5.13
N ASN A 59 7.91 -35.16 4.38
CA ASN A 59 9.04 -34.25 4.50
C ASN A 59 8.50 -32.96 5.08
N ILE A 60 8.96 -32.59 6.26
CA ILE A 60 8.48 -31.43 6.98
C ILE A 60 9.69 -30.62 7.44
N THR A 61 9.49 -29.31 7.57
CA THR A 61 10.53 -28.40 8.00
C THR A 61 10.03 -27.57 9.17
N GLY A 62 10.94 -26.84 9.78
CA GLY A 62 10.60 -26.00 10.90
C GLY A 62 11.84 -25.63 11.69
N ARG A 63 11.61 -24.83 12.73
CA ARG A 63 12.67 -24.38 13.61
C ARG A 63 12.57 -25.10 14.95
N ILE A 64 13.69 -25.58 15.45
CA ILE A 64 13.75 -26.23 16.75
C ILE A 64 13.75 -25.15 17.83
N MET A 65 12.77 -25.20 18.74
CA MET A 65 12.66 -24.17 19.77
C MET A 65 12.87 -24.69 21.19
N ARG A 66 13.11 -25.98 21.38
CA ARG A 66 13.43 -26.54 22.68
C ARG A 66 14.07 -27.90 22.47
N VAL A 67 15.05 -28.21 23.28
CA VAL A 67 15.76 -29.49 23.21
C VAL A 67 15.73 -30.15 24.58
N SER A 68 15.51 -31.46 24.60
CA SER A 68 15.50 -32.23 25.84
C SER A 68 16.16 -33.57 25.57
N ALA A 69 16.71 -34.16 26.63
CA ALA A 69 17.40 -35.45 26.52
C ALA A 69 16.64 -36.54 27.26
N GLN A 72 17.99 -42.27 26.82
CA GLN A 72 19.21 -41.97 26.08
C GLN A 72 19.02 -42.22 24.59
N LYS A 73 18.16 -43.18 24.26
CA LYS A 73 17.81 -43.46 22.87
C LYS A 73 16.56 -42.73 22.45
N LEU A 74 16.02 -41.88 23.32
CA LEU A 74 14.84 -41.06 23.05
C LEU A 74 15.22 -39.59 23.17
N ARG A 75 14.85 -38.83 22.15
CA ARG A 75 15.12 -37.41 22.01
C ARG A 75 13.87 -36.67 21.59
N PHE A 76 13.68 -35.48 22.19
CA PHE A 76 12.45 -34.69 22.05
C PHE A 76 12.80 -33.26 21.63
N PHE A 77 12.02 -32.75 20.68
CA PHE A 77 12.19 -31.39 20.20
C PHE A 77 10.82 -30.78 19.89
N ASP A 78 10.77 -29.46 19.94
CA ASP A 78 9.60 -28.71 19.47
C ASP A 78 9.90 -28.13 18.09
N LEU A 79 9.04 -28.44 17.13
CA LEU A 79 9.19 -27.94 15.78
C LEU A 79 8.09 -26.92 15.56
N VAL A 80 8.48 -25.68 15.29
CA VAL A 80 7.53 -24.59 15.11
C VAL A 80 7.58 -24.15 13.66
N GLY A 81 6.40 -23.87 13.10
CA GLY A 81 6.31 -23.37 11.74
C GLY A 81 4.99 -22.69 11.50
N ASP A 82 5.03 -21.50 10.88
CA ASP A 82 3.83 -20.70 10.63
C ASP A 82 3.07 -20.42 11.92
N GLY A 83 3.82 -20.17 12.99
CA GLY A 83 3.21 -19.82 14.26
C GLY A 83 2.60 -20.96 15.04
N GLU A 84 2.76 -22.20 14.59
CA GLU A 84 2.21 -23.36 15.28
C GLU A 84 3.31 -24.38 15.53
N LYS A 85 3.03 -25.33 16.41
CA LYS A 85 4.07 -26.15 17.00
C LYS A 85 3.65 -27.61 17.09
N ILE A 86 4.60 -28.50 16.80
CA ILE A 86 4.45 -29.93 17.02
C ILE A 86 5.69 -30.42 17.76
N GLN A 87 5.61 -31.65 18.25
CA GLN A 87 6.74 -32.31 18.88
C GLN A 87 7.43 -33.18 17.84
N VAL A 88 8.75 -33.30 17.98
CA VAL A 88 9.54 -34.20 17.14
C VAL A 88 9.99 -35.32 18.06
N LEU A 89 9.71 -36.57 17.70
CA LEU A 89 10.09 -37.70 18.55
C LEU A 89 11.11 -38.55 17.81
N ALA A 90 12.39 -38.33 18.10
CA ALA A 90 13.46 -39.10 17.47
C ALA A 90 13.71 -40.36 18.27
N ASN A 91 13.32 -41.50 17.70
CA ASN A 91 13.51 -42.81 18.32
C ASN A 91 14.61 -43.57 17.60
N TYR A 92 15.46 -44.23 18.39
CA TYR A 92 16.55 -45.01 17.81
C TYR A 92 16.04 -46.15 16.94
N SER A 93 14.82 -46.62 17.20
CA SER A 93 14.26 -47.73 16.43
C SER A 93 14.01 -47.36 14.98
N PHE A 94 13.64 -46.12 14.71
CA PHE A 94 13.29 -45.67 13.37
C PHE A 94 14.41 -44.96 12.64
N HIS A 95 15.56 -44.74 13.30
CA HIS A 95 16.65 -44.00 12.68
C HIS A 95 17.27 -44.80 11.54
N ASN A 96 17.58 -44.11 10.45
CA ASN A 96 18.23 -44.70 9.28
C ASN A 96 19.74 -44.59 9.48
N HIS A 97 20.36 -45.67 9.93
CA HIS A 97 21.79 -45.64 10.22
C HIS A 97 22.66 -45.59 8.97
N GLU A 98 22.09 -45.81 7.78
CA GLU A 98 22.87 -45.62 6.56
C GLU A 98 23.24 -44.17 6.35
N LYS A 99 22.40 -43.24 6.83
CA LYS A 99 22.66 -41.82 6.69
C LYS A 99 23.50 -41.25 7.82
N GLY A 100 23.88 -42.06 8.80
CA GLY A 100 24.70 -41.59 9.89
C GLY A 100 24.33 -42.18 11.23
N ASN A 101 25.12 -41.90 12.25
CA ASN A 101 24.88 -42.43 13.58
C ASN A 101 23.77 -41.64 14.26
N PHE A 102 22.93 -42.33 15.02
CA PHE A 102 21.80 -41.68 15.67
C PHE A 102 22.26 -40.64 16.67
N ALA A 103 23.25 -40.99 17.50
CA ALA A 103 23.66 -40.12 18.59
C ALA A 103 24.22 -38.80 18.08
N GLU A 104 25.16 -38.84 17.14
CA GLU A 104 25.79 -37.61 16.66
C GLU A 104 24.84 -36.76 15.84
N CYS A 105 23.84 -37.38 15.20
CA CYS A 105 22.93 -36.61 14.35
C CYS A 105 22.16 -35.57 15.15
N TYR A 106 21.48 -36.00 16.23
CA TYR A 106 20.63 -35.13 17.02
C TYR A 106 21.38 -34.46 18.16
N ASP A 107 22.62 -34.88 18.44
CA ASP A 107 23.43 -34.21 19.45
C ASP A 107 23.90 -32.85 18.97
N LYS A 108 24.17 -32.70 17.67
CA LYS A 108 24.65 -31.44 17.10
C LYS A 108 23.52 -30.42 16.95
N ILE A 109 22.28 -30.85 17.15
CA ILE A 109 21.12 -29.97 16.99
C ILE A 109 21.05 -29.07 18.22
N ARG A 110 20.77 -27.81 17.97
CA ARG A 110 20.67 -26.79 18.99
C ARG A 110 19.38 -26.02 18.86
N ARG A 111 19.00 -25.32 19.91
CA ARG A 111 17.78 -24.52 19.85
C ARG A 111 17.92 -23.44 18.80
N GLY A 112 16.90 -23.29 17.96
CA GLY A 112 16.92 -22.31 16.90
C GLY A 112 17.30 -22.86 15.54
N ASP A 113 17.80 -24.09 15.47
CA ASP A 113 18.23 -24.65 14.20
C ASP A 113 17.03 -24.95 13.31
N ILE A 114 17.15 -24.64 12.03
CA ILE A 114 16.15 -24.98 11.04
C ILE A 114 16.55 -26.31 10.43
N VAL A 115 15.63 -27.27 10.44
CA VAL A 115 15.93 -28.63 10.00
C VAL A 115 14.87 -29.11 9.03
N GLY A 116 15.24 -30.13 8.25
CA GLY A 116 14.32 -30.89 7.44
C GLY A 116 14.24 -32.32 7.96
N ILE A 117 13.02 -32.82 8.09
CA ILE A 117 12.75 -34.11 8.71
C ILE A 117 12.02 -35.00 7.73
N VAL A 118 12.51 -36.22 7.56
CA VAL A 118 11.83 -37.27 6.81
C VAL A 118 11.32 -38.30 7.83
N GLY A 119 10.01 -38.38 7.99
CA GLY A 119 9.45 -39.30 8.95
C GLY A 119 7.98 -39.52 8.74
N PHE A 120 7.35 -40.14 9.75
CA PHE A 120 5.94 -40.51 9.66
C PHE A 120 5.13 -39.83 10.77
N PRO A 121 3.84 -39.62 10.56
CA PRO A 121 3.02 -38.99 11.59
C PRO A 121 2.56 -39.97 12.64
N GLY A 122 2.28 -39.44 13.83
CA GLY A 122 1.83 -40.23 14.95
C GLY A 122 1.75 -39.43 16.23
N LYS A 123 1.05 -39.95 17.23
CA LYS A 123 0.96 -39.29 18.53
C LYS A 123 1.81 -40.03 19.54
N SER A 124 2.30 -39.28 20.52
CA SER A 124 3.15 -39.84 21.57
C SER A 124 2.36 -40.86 22.40
N LYS A 125 3.10 -41.61 23.22
CA LYS A 125 2.44 -42.47 24.20
C LYS A 125 1.62 -41.65 25.17
N LYS A 126 1.95 -40.37 25.35
CA LYS A 126 1.16 -39.46 26.16
C LYS A 126 0.07 -38.75 25.35
N GLY A 127 0.05 -38.91 24.04
CA GLY A 127 -0.98 -38.30 23.22
C GLY A 127 -0.60 -36.92 22.74
N GLU A 128 0.67 -36.74 22.38
CA GLU A 128 1.17 -35.49 21.82
C GLU A 128 1.49 -35.70 20.35
N LEU A 129 0.84 -34.93 19.49
CA LEU A 129 1.04 -35.04 18.06
C LEU A 129 2.49 -34.80 17.70
N SER A 130 3.11 -35.79 17.05
CA SER A 130 4.54 -35.75 16.80
C SER A 130 4.84 -36.18 15.38
N ILE A 131 5.99 -35.74 14.89
CA ILE A 131 6.61 -36.30 13.70
C ILE A 131 7.73 -37.21 14.16
N PHE A 132 7.79 -38.42 13.61
CA PHE A 132 8.80 -39.39 14.00
C PHE A 132 9.86 -39.45 12.92
N PRO A 133 11.01 -38.82 13.10
CA PRO A 133 12.00 -38.79 12.02
C PRO A 133 12.69 -40.13 11.82
N LYS A 134 12.86 -40.50 10.55
CA LYS A 134 13.86 -41.49 10.17
C LYS A 134 15.18 -40.84 9.80
N GLU A 135 15.15 -39.56 9.42
CA GLU A 135 16.32 -38.81 9.02
C GLU A 135 16.09 -37.34 9.33
N THR A 136 17.12 -36.67 9.82
CA THR A 136 17.05 -35.25 10.16
C THR A 136 18.28 -34.55 9.62
N ILE A 137 18.05 -33.50 8.83
CA ILE A 137 19.12 -32.77 8.17
C ILE A 137 19.04 -31.30 8.57
N LEU A 138 20.20 -30.70 8.85
CA LEU A 138 20.26 -29.28 9.15
C LEU A 138 20.10 -28.46 7.88
N LEU A 139 19.10 -27.57 7.87
CA LEU A 139 18.90 -26.66 6.74
C LEU A 139 19.55 -25.30 6.95
N SER A 140 19.51 -24.79 8.18
CA SER A 140 20.13 -23.51 8.50
C SER A 140 20.32 -23.44 10.00
N ALA A 141 21.54 -23.19 10.43
CA ALA A 141 21.89 -23.20 11.84
C ALA A 141 21.60 -21.85 12.49
N CYS A 142 21.37 -21.89 13.80
CA CYS A 142 21.22 -20.68 14.61
C CYS A 142 22.53 -20.48 15.36
N LEU A 143 23.29 -19.46 14.98
CA LEU A 143 24.62 -19.27 15.51
C LEU A 143 24.63 -18.53 16.85
N HIS A 144 23.53 -17.91 17.23
CA HIS A 144 23.42 -17.19 18.49
C HIS A 144 22.49 -17.94 19.43
N MET A 145 22.45 -17.50 20.67
CA MET A 145 21.59 -18.10 21.67
C MET A 145 20.27 -17.33 21.69
N LEU A 146 19.18 -18.06 21.58
CA LEU A 146 17.86 -17.44 21.57
C LEU A 146 17.53 -16.89 22.95
N PRO A 147 17.18 -15.59 23.06
CA PRO A 147 16.77 -15.05 24.36
C PRO A 147 15.60 -15.82 24.93
N MET A 148 15.31 -15.56 26.19
CA MET A 148 14.08 -16.07 26.79
C MET A 148 13.01 -14.99 26.73
N LYS A 149 11.80 -15.36 27.16
CA LYS A 149 10.69 -14.42 27.03
C LYS A 149 10.88 -13.25 27.98
N TYR A 150 11.49 -13.52 29.14
CA TYR A 150 11.88 -12.46 30.07
C TYR A 150 12.89 -11.52 29.42
N GLY A 151 13.80 -12.07 28.62
CA GLY A 151 14.83 -11.28 27.98
C GLY A 151 14.32 -10.30 26.96
N LEU A 152 13.04 -10.43 26.58
CA LEU A 152 12.44 -9.53 25.60
C LEU A 152 11.21 -8.84 26.18
N LYS A 153 11.32 -8.40 27.43
CA LYS A 153 10.19 -7.71 28.12
C LYS A 153 10.53 -6.24 28.39
N ASP A 154 11.37 -6.02 29.41
CA ASP A 154 11.77 -4.67 29.78
C ASP A 154 12.73 -4.08 28.74
N THR A 155 13.51 -4.95 28.09
CA THR A 155 14.46 -4.52 27.08
C THR A 155 13.76 -4.10 25.80
N GLU A 156 14.45 -3.31 24.98
CA GLU A 156 13.89 -2.85 23.71
C GLU A 156 14.42 -3.67 22.54
N ILE A 157 14.75 -4.93 22.81
CA ILE A 157 15.25 -5.82 21.78
C ILE A 157 14.15 -6.23 20.81
N ARG A 158 12.91 -6.21 21.29
CA ARG A 158 11.76 -6.57 20.46
C ARG A 158 11.65 -5.70 19.22
N TYR A 159 12.09 -4.44 19.31
CA TYR A 159 12.00 -3.52 18.18
C TYR A 159 13.24 -3.56 17.29
N ARG A 160 14.42 -3.76 17.88
CA ARG A 160 15.64 -3.81 17.08
C ARG A 160 15.77 -5.13 16.33
N GLN A 161 15.36 -6.23 16.95
CA GLN A 161 15.32 -7.55 16.32
C GLN A 161 13.91 -8.10 16.47
N ARG A 162 13.03 -7.70 15.56
CA ARG A 162 11.63 -8.13 15.64
C ARG A 162 11.49 -9.63 15.32
N TYR A 163 12.44 -10.17 14.55
CA TYR A 163 12.37 -11.59 14.21
C TYR A 163 12.47 -12.47 15.45
N LEU A 164 13.24 -12.05 16.46
CA LEU A 164 13.26 -12.81 17.70
C LEU A 164 11.95 -12.67 18.47
N ASP A 165 11.31 -11.51 18.37
CA ASP A 165 9.99 -11.33 18.95
C ASP A 165 8.96 -12.25 18.29
N LEU A 166 8.99 -12.33 16.95
CA LEU A 166 8.03 -13.17 16.25
C LEU A 166 8.25 -14.65 16.52
N LEU A 167 9.50 -15.05 16.80
CA LEU A 167 9.79 -16.45 17.08
C LEU A 167 9.43 -16.81 18.52
N ILE A 168 9.67 -15.90 19.46
CA ILE A 168 9.60 -16.22 20.88
C ILE A 168 8.23 -15.93 21.47
N ASN A 169 7.61 -14.81 21.10
CA ASN A 169 6.33 -14.41 21.69
C ASN A 169 5.20 -14.72 20.71
N GLU A 170 4.33 -15.65 21.12
CA GLU A 170 3.21 -16.04 20.26
C GLU A 170 2.25 -14.88 20.04
N SER A 171 2.14 -13.98 21.01
CA SER A 171 1.23 -12.85 20.89
C SER A 171 1.72 -11.84 19.88
N SER A 172 3.03 -11.79 19.63
CA SER A 172 3.56 -10.82 18.67
C SER A 172 3.15 -11.17 17.25
N ARG A 173 3.16 -12.46 16.89
CA ARG A 173 2.69 -12.84 15.57
C ARG A 173 1.18 -12.66 15.45
N HIS A 174 0.45 -12.80 16.57
CA HIS A 174 -0.98 -12.52 16.55
C HIS A 174 -1.25 -11.04 16.33
N THR A 175 -0.44 -10.17 16.94
CA THR A 175 -0.63 -8.73 16.77
C THR A 175 -0.52 -8.34 15.30
N PHE A 176 0.51 -8.83 14.60
CA PHE A 176 0.74 -8.41 13.23
C PHE A 176 -0.13 -9.15 12.23
N VAL A 177 -0.60 -10.35 12.56
CA VAL A 177 -1.65 -10.97 11.74
C VAL A 177 -2.92 -10.14 11.81
N THR A 178 -3.27 -9.66 13.00
CA THR A 178 -4.46 -8.83 13.16
C THR A 178 -4.33 -7.52 12.38
N ARG A 179 -3.14 -6.93 12.38
CA ARG A 179 -2.93 -5.68 11.65
C ARG A 179 -3.26 -5.86 10.17
N THR A 180 -2.73 -6.92 9.55
CA THR A 180 -3.02 -7.17 8.14
C THR A 180 -4.49 -7.50 7.93
N LYS A 181 -5.12 -8.21 8.89
CA LYS A 181 -6.54 -8.49 8.78
C LYS A 181 -7.37 -7.21 8.83
N ILE A 182 -6.91 -6.22 9.61
CA ILE A 182 -7.62 -4.94 9.66
C ILE A 182 -7.53 -4.23 8.32
N ILE A 183 -6.33 -4.16 7.75
CA ILE A 183 -6.14 -3.48 6.46
C ILE A 183 -6.86 -4.24 5.35
N ASN A 184 -6.78 -5.57 5.37
CA ASN A 184 -7.51 -6.38 4.39
C ASN A 184 -9.01 -6.11 4.49
N PHE A 185 -9.54 -6.07 5.71
CA PHE A 185 -10.98 -5.83 5.88
C PHE A 185 -11.35 -4.44 5.38
N LEU A 186 -10.50 -3.45 5.64
CA LEU A 186 -10.77 -2.08 5.20
C LEU A 186 -10.81 -1.99 3.68
N ARG A 187 -9.82 -2.60 3.01
CA ARG A 187 -9.80 -2.55 1.55
C ARG A 187 -11.04 -3.19 0.93
N ASN A 188 -11.46 -4.33 1.46
CA ASN A 188 -12.66 -4.98 0.94
C ASN A 188 -13.92 -4.19 1.31
N PHE A 189 -13.93 -3.59 2.50
CA PHE A 189 -15.06 -2.77 2.92
C PHE A 189 -15.27 -1.60 1.95
N LEU A 190 -14.19 -0.95 1.54
CA LEU A 190 -14.31 0.16 0.60
C LEU A 190 -14.58 -0.33 -0.81
N ASN A 191 -13.90 -1.40 -1.24
CA ASN A 191 -14.12 -1.91 -2.60
C ASN A 191 -15.53 -2.46 -2.77
N GLU A 192 -16.13 -3.00 -1.71
CA GLU A 192 -17.51 -3.49 -1.80
C GLU A 192 -18.50 -2.37 -2.02
N ARG A 193 -18.15 -1.13 -1.68
CA ARG A 193 -19.02 0.02 -1.86
C ARG A 193 -18.66 0.83 -3.10
N GLY A 194 -17.86 0.27 -4.00
CA GLY A 194 -17.53 0.92 -5.25
C GLY A 194 -16.37 1.89 -5.19
N PHE A 195 -15.60 1.88 -4.12
CA PHE A 195 -14.46 2.79 -4.02
C PHE A 195 -13.29 2.31 -4.87
N PHE A 196 -12.49 3.25 -5.34
CA PHE A 196 -11.43 2.99 -6.30
C PHE A 196 -10.09 3.37 -5.66
N GLU A 197 -9.19 2.40 -5.56
CA GLU A 197 -7.90 2.61 -4.91
C GLU A 197 -6.89 3.14 -5.91
N VAL A 198 -6.12 4.15 -5.48
CA VAL A 198 -5.15 4.83 -6.35
C VAL A 198 -3.84 5.00 -5.61
N GLU A 199 -2.82 5.43 -6.35
CA GLU A 199 -1.51 5.73 -5.81
C GLU A 199 -1.17 7.18 -6.13
N THR A 200 -0.82 7.94 -5.09
CA THR A 200 -0.46 9.34 -5.10
C THR A 200 1.02 9.51 -4.78
N PRO A 201 1.68 10.54 -5.31
CA PRO A 201 3.13 10.69 -5.10
C PRO A 201 3.45 10.82 -3.62
N MET A 202 4.65 10.35 -3.26
CA MET A 202 5.14 10.50 -1.89
C MET A 202 5.89 11.79 -1.68
N MET A 203 6.31 12.46 -2.77
CA MET A 203 6.98 13.74 -2.70
C MET A 203 6.25 14.76 -3.57
N ASN A 204 6.11 15.97 -3.06
CA ASN A 204 5.47 17.06 -3.78
C ASN A 204 6.22 18.35 -3.46
N LEU A 205 5.88 19.42 -4.18
CA LEU A 205 6.62 20.67 -4.00
C LEU A 205 6.06 21.56 -2.90
N ILE A 206 4.76 21.47 -2.61
CA ILE A 206 4.14 22.24 -1.54
C ILE A 206 3.78 21.28 -0.41
N ALA A 207 4.33 21.52 0.77
CA ALA A 207 4.06 20.72 1.96
C ALA A 207 4.80 21.31 3.16
N ASN A 211 0.35 22.22 9.26
CA ASN A 211 0.08 21.31 10.38
C ASN A 211 1.39 20.83 11.04
N ALA A 212 2.32 20.35 10.22
CA ALA A 212 3.52 19.77 10.78
C ALA A 212 4.72 20.11 9.92
N ARG A 213 5.89 20.03 10.53
CA ARG A 213 7.12 20.21 9.77
C ARG A 213 7.29 19.05 8.80
N PRO A 214 7.85 19.31 7.61
CA PRO A 214 7.98 18.26 6.61
C PRO A 214 9.33 17.55 6.65
N PHE A 215 9.35 16.37 6.04
CA PHE A 215 10.61 15.73 5.69
C PHE A 215 11.06 16.29 4.34
N ILE A 216 12.29 16.78 4.29
CA ILE A 216 12.83 17.46 3.12
C ILE A 216 13.87 16.57 2.47
N THR A 217 13.74 16.36 1.16
CA THR A 217 14.70 15.59 0.38
C THR A 217 14.92 16.27 -0.96
N HIS A 218 16.09 16.03 -1.54
CA HIS A 218 16.51 16.68 -2.77
C HIS A 218 16.36 15.73 -3.95
N HIS A 219 15.59 16.15 -4.96
CA HIS A 219 15.48 15.41 -6.21
C HIS A 219 16.68 15.73 -7.09
N ASN A 220 17.48 14.72 -7.42
CA ASN A 220 18.72 14.97 -8.16
C ASN A 220 18.43 15.34 -9.61
N ASP A 221 17.47 14.66 -10.25
CA ASP A 221 17.23 14.88 -11.67
C ASP A 221 16.54 16.22 -11.93
N LEU A 222 15.76 16.71 -10.98
CA LEU A 222 15.07 17.98 -11.13
C LEU A 222 15.80 19.14 -10.47
N ASP A 223 16.87 18.87 -9.71
CA ASP A 223 17.59 19.89 -8.96
C ASP A 223 16.63 20.72 -8.11
N LEU A 224 15.72 20.02 -7.44
CA LEU A 224 14.71 20.66 -6.62
C LEU A 224 14.64 19.99 -5.25
N ASP A 225 14.27 20.78 -4.24
CA ASP A 225 13.97 20.26 -2.92
C ASP A 225 12.49 19.94 -2.85
N LEU A 226 12.16 18.70 -2.50
CA LEU A 226 10.78 18.25 -2.40
C LEU A 226 10.49 17.82 -0.97
N TYR A 227 9.22 17.63 -0.67
CA TYR A 227 8.75 17.35 0.68
C TYR A 227 7.89 16.10 0.66
N LEU A 228 8.15 15.20 1.60
CA LEU A 228 7.31 14.02 1.74
C LEU A 228 5.91 14.45 2.13
N ARG A 229 4.91 13.73 1.61
CA ARG A 229 3.53 14.11 1.84
C ARG A 229 3.19 14.02 3.33
N ILE A 230 2.53 15.06 3.84
CA ILE A 230 2.00 14.99 5.20
C ILE A 230 0.64 14.30 5.20
N ALA A 231 0.01 14.18 4.03
CA ALA A 231 -1.30 13.57 3.88
C ALA A 231 -1.56 13.40 2.40
N THR A 232 -2.53 12.55 2.08
CA THR A 232 -2.95 12.33 0.70
C THR A 232 -4.19 13.14 0.34
N GLU A 233 -4.50 14.16 1.16
CA GLU A 233 -5.77 14.87 1.05
C GLU A 233 -5.92 15.59 -0.28
N LEU A 234 -4.92 16.41 -0.65
CA LEU A 234 -5.09 17.29 -1.80
C LEU A 234 -5.20 16.52 -3.12
N PRO A 235 -4.27 15.62 -3.47
CA PRO A 235 -4.39 14.95 -4.78
C PRO A 235 -5.61 14.06 -4.89
N LEU A 236 -6.08 13.47 -3.78
CA LEU A 236 -7.29 12.66 -3.85
C LEU A 236 -8.50 13.52 -4.20
N LYS A 237 -8.56 14.74 -3.66
CA LYS A 237 -9.65 15.65 -4.02
C LYS A 237 -9.55 16.08 -5.47
N MET A 238 -8.33 16.22 -6.00
CA MET A 238 -8.18 16.53 -7.42
C MET A 238 -8.70 15.38 -8.28
N LEU A 239 -8.59 14.14 -7.81
CA LEU A 239 -9.15 13.02 -8.54
C LEU A 239 -10.68 13.05 -8.51
N ILE A 240 -11.27 13.53 -7.40
CA ILE A 240 -12.71 13.71 -7.34
C ILE A 240 -13.16 14.70 -8.42
N VAL A 241 -12.40 15.78 -8.61
CA VAL A 241 -12.67 16.70 -9.71
C VAL A 241 -12.58 15.97 -11.04
N GLY A 242 -11.61 15.06 -11.16
CA GLY A 242 -11.40 14.29 -12.38
C GLY A 242 -12.47 13.27 -12.71
N GLY A 243 -13.47 13.09 -11.84
CA GLY A 243 -14.55 12.17 -12.10
C GLY A 243 -14.48 10.84 -11.39
N ILE A 244 -13.43 10.60 -10.60
CA ILE A 244 -13.35 9.39 -9.77
C ILE A 244 -14.09 9.72 -8.48
N ASP A 245 -15.40 9.45 -8.47
CA ASP A 245 -16.27 9.94 -7.43
C ASP A 245 -16.13 9.18 -6.12
N LYS A 246 -15.48 8.02 -6.13
CA LYS A 246 -15.22 7.25 -4.91
C LYS A 246 -13.77 6.79 -4.99
N VAL A 247 -12.88 7.47 -4.27
CA VAL A 247 -11.45 7.25 -4.39
C VAL A 247 -10.85 7.13 -3.00
N TYR A 248 -9.79 6.33 -2.88
CA TYR A 248 -9.12 6.18 -1.60
C TYR A 248 -7.69 5.71 -1.83
N GLU A 249 -6.88 5.83 -0.78
CA GLU A 249 -5.50 5.42 -0.79
C GLU A 249 -5.11 4.91 0.60
N ILE A 250 -4.38 3.80 0.63
CA ILE A 250 -3.83 3.26 1.87
C ILE A 250 -2.32 3.27 1.74
N GLY A 251 -1.67 4.14 2.49
CA GLY A 251 -0.22 4.23 2.42
C GLY A 251 0.33 5.01 3.59
N LYS A 252 1.62 5.31 3.51
CA LYS A 252 2.32 6.04 4.56
C LYS A 252 2.41 7.51 4.30
N VAL A 253 2.29 8.27 5.36
CA VAL A 253 2.43 9.71 5.29
C VAL A 253 3.39 10.13 6.40
N PHE A 254 3.96 11.32 6.26
CA PHE A 254 5.12 11.72 7.05
C PHE A 254 4.91 13.06 7.72
N ARG A 255 5.32 13.14 8.99
CA ARG A 255 5.25 14.37 9.77
C ARG A 255 6.52 14.45 10.62
N ASN A 256 7.41 15.39 10.28
CA ASN A 256 8.74 15.46 10.88
C ASN A 256 8.64 16.12 12.27
N GLU A 257 8.08 15.36 13.20
CA GLU A 257 7.86 15.86 14.56
C GLU A 257 8.28 14.78 15.56
N GLY A 258 7.97 15.02 16.83
CA GLY A 258 8.49 14.17 17.89
C GLY A 258 7.79 12.83 18.00
N ILE A 259 8.56 11.82 18.39
CA ILE A 259 8.03 10.46 18.55
C ILE A 259 7.41 10.34 19.95
N ASP A 260 6.28 9.65 20.02
CA ASP A 260 5.70 9.26 21.31
C ASP A 260 4.82 8.04 21.08
N ASN A 261 4.21 7.57 22.17
CA ASN A 261 3.50 6.29 22.16
C ASN A 261 2.32 6.25 21.17
N THR A 262 1.76 7.40 20.81
CA THR A 262 0.65 7.43 19.85
C THR A 262 0.94 8.28 18.62
N HIS A 263 2.15 8.82 18.49
CA HIS A 263 2.56 9.57 17.31
C HIS A 263 3.85 8.99 16.77
N ASN A 264 3.84 8.62 15.50
CA ASN A 264 5.05 8.21 14.81
C ASN A 264 5.25 9.10 13.58
N PRO A 265 6.46 9.63 13.35
CA PRO A 265 6.66 10.52 12.19
C PRO A 265 6.28 9.86 10.88
N GLU A 266 6.43 8.54 10.79
CA GLU A 266 6.00 7.78 9.62
C GLU A 266 4.91 6.82 10.08
N PHE A 267 3.69 7.01 9.57
CA PHE A 267 2.56 6.20 9.99
C PHE A 267 1.65 5.93 8.80
N THR A 268 0.84 4.89 8.94
CA THR A 268 -0.02 4.40 7.87
C THR A 268 -1.40 5.02 7.97
N SER A 269 -1.83 5.69 6.91
CA SER A 269 -3.12 6.34 6.88
C SER A 269 -3.95 5.79 5.72
N CYS A 270 -5.27 5.81 5.90
CA CYS A 270 -6.22 5.58 4.82
C CYS A 270 -7.14 6.79 4.74
N GLU A 271 -7.22 7.39 3.56
CA GLU A 271 -8.14 8.48 3.28
C GLU A 271 -9.00 8.10 2.10
N PHE A 272 -10.31 8.30 2.22
CA PHE A 272 -11.20 8.16 1.09
C PHE A 272 -11.98 9.45 0.89
N TYR A 273 -12.40 9.68 -0.35
CA TYR A 273 -13.24 10.81 -0.69
C TYR A 273 -14.43 10.31 -1.49
N TRP A 274 -15.60 10.85 -1.15
CA TRP A 274 -16.89 10.26 -1.52
C TRP A 274 -17.78 11.39 -2.02
N ALA A 275 -17.87 11.53 -3.35
CA ALA A 275 -18.63 12.62 -3.93
C ALA A 275 -20.11 12.50 -3.56
N TYR A 276 -20.74 13.65 -3.34
CA TYR A 276 -22.16 13.77 -3.02
C TYR A 276 -22.51 13.16 -1.66
N ALA A 277 -21.52 12.89 -0.82
CA ALA A 277 -21.77 12.44 0.54
C ALA A 277 -21.55 13.59 1.51
N ASP A 278 -22.22 13.54 2.65
CA ASP A 278 -22.04 14.61 3.62
C ASP A 278 -21.66 14.09 5.00
N TYR A 279 -21.68 15.00 5.99
CA TYR A 279 -21.20 14.67 7.32
C TYR A 279 -21.96 13.49 7.92
N ASN A 280 -23.26 13.40 7.63
CA ASN A 280 -24.06 12.32 8.20
C ASN A 280 -23.74 10.99 7.55
N ASP A 281 -23.41 10.99 6.25
CA ASP A 281 -22.97 9.76 5.61
C ASP A 281 -21.67 9.26 6.21
N LEU A 282 -20.78 10.18 6.58
CA LEU A 282 -19.49 9.79 7.16
C LEU A 282 -19.65 9.17 8.55
N ILE A 283 -20.62 9.66 9.33
CA ILE A 283 -20.87 9.06 10.65
C ILE A 283 -21.42 7.65 10.48
N LYS A 284 -22.40 7.47 9.60
CA LYS A 284 -22.96 6.14 9.37
C LYS A 284 -21.90 5.20 8.81
N TRP A 285 -20.99 5.73 7.98
CA TRP A 285 -19.89 4.91 7.48
C TRP A 285 -18.99 4.47 8.63
N SER A 286 -18.63 5.41 9.51
CA SER A 286 -17.75 5.10 10.63
C SER A 286 -18.39 4.08 11.56
N GLU A 287 -19.66 4.27 11.89
CA GLU A 287 -20.34 3.32 12.77
C GLU A 287 -20.45 1.95 12.12
N ASP A 288 -20.67 1.90 10.80
CA ASP A 288 -20.76 0.63 10.12
C ASP A 288 -19.41 -0.06 10.05
N PHE A 289 -18.35 0.68 9.74
CA PHE A 289 -17.03 0.08 9.57
C PHE A 289 -16.51 -0.49 10.89
N PHE A 290 -16.51 0.32 11.95
CA PHE A 290 -15.89 -0.10 13.20
C PHE A 290 -16.66 -1.24 13.86
N SER A 291 -18.00 -1.19 13.82
CA SER A 291 -18.78 -2.27 14.39
C SER A 291 -18.56 -3.58 13.63
N GLN A 292 -18.58 -3.51 12.30
CA GLN A 292 -18.37 -4.72 11.50
C GLN A 292 -16.94 -5.21 11.61
N LEU A 293 -15.97 -4.29 11.71
CA LEU A 293 -14.57 -4.70 11.85
C LEU A 293 -14.34 -5.42 13.17
N VAL A 294 -14.92 -4.91 14.26
CA VAL A 294 -14.73 -5.53 15.55
C VAL A 294 -15.41 -6.89 15.60
N TYR A 295 -16.61 -6.99 15.03
CA TYR A 295 -17.30 -8.28 14.96
C TYR A 295 -16.56 -9.24 14.03
N HIS A 296 -15.96 -8.74 12.96
CA HIS A 296 -15.23 -9.60 12.04
C HIS A 296 -14.02 -10.24 12.71
N LEU A 297 -13.36 -9.50 13.60
CA LEU A 297 -12.14 -10.00 14.24
C LEU A 297 -12.41 -10.82 15.49
N PHE A 298 -13.51 -10.55 16.20
CA PHE A 298 -13.74 -11.15 17.50
C PHE A 298 -15.07 -11.86 17.66
N GLY A 299 -15.99 -11.74 16.70
CA GLY A 299 -17.30 -12.34 16.86
C GLY A 299 -18.19 -11.66 17.87
N THR A 300 -17.81 -10.47 18.34
CA THR A 300 -18.59 -9.70 19.30
C THR A 300 -18.25 -8.23 19.12
N TYR A 301 -19.13 -7.36 19.61
CA TYR A 301 -18.90 -5.93 19.55
C TYR A 301 -18.14 -5.39 20.75
N LYS A 302 -17.88 -6.22 21.76
CA LYS A 302 -17.19 -5.80 22.98
C LYS A 302 -15.78 -6.35 22.97
N ILE A 303 -14.82 -5.50 23.30
CA ILE A 303 -13.42 -5.89 23.47
C ILE A 303 -12.95 -5.39 24.83
N SER A 304 -11.84 -5.95 25.30
CA SER A 304 -11.18 -5.49 26.50
C SER A 304 -9.86 -4.82 26.12
N TYR A 305 -9.52 -3.73 26.82
CA TYR A 305 -8.33 -2.96 26.50
C TYR A 305 -7.69 -2.46 27.79
N ASN A 306 -6.39 -2.69 27.93
CA ASN A 306 -5.64 -2.28 29.11
C ASN A 306 -5.12 -0.85 28.89
N LYS A 307 -6.03 0.11 29.07
CA LYS A 307 -5.67 1.52 28.88
C LYS A 307 -4.47 1.91 29.74
N ASP A 308 -4.47 1.50 31.00
CA ASP A 308 -3.38 1.82 31.93
C ASP A 308 -2.36 0.69 32.02
N GLY A 309 -2.22 -0.09 30.95
CA GLY A 309 -1.19 -1.11 30.87
C GLY A 309 -1.69 -2.47 31.27
N PRO A 310 -0.97 -3.52 30.85
CA PRO A 310 -1.38 -4.88 31.24
C PRO A 310 -1.26 -5.11 32.72
N GLU A 311 -0.40 -4.35 33.39
CA GLU A 311 -0.33 -4.33 34.84
C GLU A 311 -1.71 -4.15 35.46
N ASN A 312 -2.55 -3.33 34.89
CA ASN A 312 -3.83 -2.93 35.46
C ASN A 312 -4.98 -3.74 34.89
N GLN A 313 -6.12 -3.65 35.55
CA GLN A 313 -7.31 -4.31 35.07
C GLN A 313 -7.79 -3.61 33.79
N PRO A 314 -8.30 -4.35 32.82
CA PRO A 314 -8.73 -3.73 31.56
C PRO A 314 -10.12 -3.12 31.67
N ILE A 315 -10.42 -2.26 30.70
CA ILE A 315 -11.76 -1.70 30.52
C ILE A 315 -12.37 -2.33 29.28
N GLU A 316 -13.69 -2.41 29.27
CA GLU A 316 -14.43 -2.96 28.13
C GLU A 316 -14.89 -1.82 27.24
N ILE A 317 -14.58 -1.93 25.94
CA ILE A 317 -15.01 -0.96 24.95
C ILE A 317 -16.06 -1.64 24.07
N ASP A 318 -17.25 -1.06 24.02
CA ASP A 318 -18.37 -1.63 23.28
C ASP A 318 -18.54 -0.86 21.98
N PHE A 319 -18.43 -1.57 20.86
CA PHE A 319 -18.55 -0.95 19.54
C PHE A 319 -19.94 -1.14 18.94
N THR A 320 -20.94 -1.41 19.76
CA THR A 320 -22.32 -1.52 19.27
C THR A 320 -22.80 -0.15 18.81
N PRO A 321 -23.17 0.02 17.55
CA PRO A 321 -23.69 1.32 17.10
C PRO A 321 -25.12 1.51 17.55
N PRO A 322 -25.60 2.76 17.66
CA PRO A 322 -24.89 4.00 17.32
C PRO A 322 -23.99 4.50 18.44
N TYR A 323 -23.05 5.38 18.10
CA TYR A 323 -22.14 5.94 19.07
C TYR A 323 -22.56 7.38 19.42
N PRO A 324 -22.27 7.84 20.63
CA PRO A 324 -22.68 9.20 21.00
C PRO A 324 -21.96 10.24 20.17
N LYS A 325 -22.67 11.36 19.93
CA LYS A 325 -22.13 12.51 19.23
C LYS A 325 -22.11 13.69 20.18
N VAL A 326 -20.95 14.33 20.31
CA VAL A 326 -20.74 15.42 21.25
C VAL A 326 -20.30 16.65 20.48
N SER A 327 -21.11 17.69 20.50
CA SER A 327 -20.75 18.95 19.86
C SER A 327 -19.75 19.69 20.74
N ILE A 328 -18.61 20.05 20.16
CA ILE A 328 -17.46 20.45 20.98
C ILE A 328 -17.74 21.76 21.71
N VAL A 329 -18.21 22.79 21.00
CA VAL A 329 -18.36 24.10 21.60
C VAL A 329 -19.49 24.09 22.63
N GLU A 330 -20.64 23.53 22.27
CA GLU A 330 -21.79 23.58 23.17
C GLU A 330 -21.58 22.68 24.39
N GLU A 331 -20.79 21.61 24.27
CA GLU A 331 -20.51 20.77 25.42
C GLU A 331 -19.41 21.35 26.30
N ILE A 332 -18.42 22.02 25.71
CA ILE A 332 -17.39 22.68 26.51
C ILE A 332 -18.01 23.75 27.39
N GLU A 333 -18.94 24.55 26.85
CA GLU A 333 -19.59 25.57 27.65
C GLU A 333 -20.53 24.96 28.67
N LYS A 334 -21.06 23.76 28.41
CA LYS A 334 -21.96 23.13 29.36
C LYS A 334 -21.22 22.73 30.64
N VAL A 335 -20.03 22.13 30.50
CA VAL A 335 -19.29 21.68 31.67
C VAL A 335 -18.54 22.82 32.34
N THR A 336 -18.29 23.91 31.61
CA THR A 336 -17.59 25.07 32.17
C THR A 336 -18.53 26.21 32.56
N ASN A 337 -19.83 26.08 32.27
CA ASN A 337 -20.85 27.06 32.67
C ASN A 337 -20.69 28.39 31.95
N THR A 338 -19.99 28.39 30.82
CA THR A 338 -19.62 29.59 30.10
C THR A 338 -20.55 29.73 28.90
N ILE A 339 -20.40 30.83 28.18
CA ILE A 339 -21.00 30.98 26.85
C ILE A 339 -19.98 31.67 25.95
N LEU A 340 -19.52 30.98 24.92
CA LEU A 340 -18.47 31.49 24.04
C LEU A 340 -19.12 31.99 22.76
N GLU A 341 -18.87 33.25 22.43
CA GLU A 341 -19.72 34.02 21.53
C GLU A 341 -19.34 33.78 20.07
N GLN A 342 -19.85 34.65 19.18
CA GLN A 342 -19.79 34.39 17.74
C GLN A 342 -18.38 34.19 17.22
N PRO A 343 -17.45 35.17 17.27
CA PRO A 343 -16.09 34.88 16.81
C PRO A 343 -15.22 34.35 17.94
N PHE A 344 -14.74 33.11 17.79
CA PHE A 344 -13.98 32.49 18.86
C PHE A 344 -12.61 33.13 19.06
N ASP A 345 -12.07 33.76 18.02
CA ASP A 345 -10.82 34.50 18.16
C ASP A 345 -11.02 35.93 18.61
N SER A 346 -12.25 36.33 18.94
CA SER A 346 -12.49 37.64 19.53
C SER A 346 -11.75 37.77 20.85
N ASN A 347 -11.37 39.00 21.19
CA ASN A 347 -10.71 39.24 22.46
C ASN A 347 -11.60 38.88 23.64
N GLU A 348 -12.92 38.90 23.45
CA GLU A 348 -13.84 38.55 24.53
C GLU A 348 -13.91 37.04 24.73
N THR A 349 -13.92 36.27 23.65
CA THR A 349 -14.01 34.81 23.78
C THR A 349 -12.67 34.21 24.18
N ILE A 350 -11.56 34.77 23.68
CA ILE A 350 -10.25 34.32 24.13
C ILE A 350 -10.06 34.61 25.61
N GLU A 351 -10.57 35.75 26.08
CA GLU A 351 -10.51 36.07 27.50
C GLU A 351 -11.30 35.06 28.33
N LYS A 352 -12.44 34.61 27.81
CA LYS A 352 -13.25 33.69 28.60
C LYS A 352 -12.64 32.29 28.60
N MET A 353 -12.00 31.89 27.51
CA MET A 353 -11.35 30.57 27.49
C MET A 353 -10.12 30.56 28.39
N ILE A 354 -9.34 31.64 28.37
CA ILE A 354 -8.19 31.74 29.27
C ILE A 354 -8.65 31.78 30.72
N ASN A 355 -9.81 32.40 30.97
CA ASN A 355 -10.34 32.43 32.33
C ASN A 355 -10.84 31.07 32.79
N ILE A 356 -11.04 30.13 31.86
CA ILE A 356 -11.35 28.75 32.25
C ILE A 356 -10.07 27.97 32.52
N ILE A 357 -9.05 28.19 31.68
CA ILE A 357 -7.80 27.45 31.80
C ILE A 357 -7.15 27.67 33.16
N LYS A 358 -7.09 28.93 33.59
CA LYS A 358 -6.44 29.23 34.86
C LYS A 358 -7.35 28.97 36.05
N GLU A 359 -8.66 29.18 35.89
CA GLU A 359 -9.64 28.70 36.86
C GLU A 359 -9.34 27.26 37.28
N HIS A 360 -9.30 26.36 36.31
CA HIS A 360 -9.09 24.96 36.59
C HIS A 360 -7.64 24.57 36.74
N LYS A 361 -6.77 25.56 36.74
CA LYS A 361 -5.33 25.29 36.86
C LYS A 361 -4.76 24.44 35.74
N ILE A 362 -5.28 24.61 34.53
CA ILE A 362 -4.78 23.89 33.38
C ILE A 362 -3.55 24.60 32.84
N GLU A 363 -2.65 23.85 32.22
CA GLU A 363 -1.48 24.49 31.63
C GLU A 363 -2.00 25.32 30.49
N LEU A 364 -1.49 26.52 30.33
CA LEU A 364 -1.95 27.37 29.26
C LEU A 364 -1.13 27.11 28.04
N PRO A 365 -1.78 26.87 26.92
CA PRO A 365 -1.05 26.63 25.69
C PRO A 365 -0.38 27.92 25.31
N ASN A 366 0.85 27.85 24.86
CA ASN A 366 1.56 29.03 24.48
C ASN A 366 2.14 28.81 23.11
N PRO A 367 1.92 29.72 22.18
CA PRO A 367 1.01 30.85 22.31
C PRO A 367 -0.42 30.41 22.40
N PRO A 368 -1.21 31.13 23.17
CA PRO A 368 -2.60 30.78 23.37
C PRO A 368 -3.56 31.31 22.33
N THR A 369 -3.56 30.72 21.14
CA THR A 369 -4.50 31.09 20.10
C THR A 369 -5.82 30.37 20.29
N ALA A 370 -6.87 30.96 19.72
CA ALA A 370 -8.23 30.46 19.93
C ALA A 370 -8.35 28.98 19.58
N ALA A 371 -7.69 28.55 18.50
CA ALA A 371 -7.74 27.14 18.12
C ALA A 371 -6.97 26.28 19.11
N LYS A 372 -5.88 26.81 19.68
CA LYS A 372 -5.10 26.03 20.65
C LYS A 372 -5.83 25.94 21.98
N LEU A 373 -6.48 27.04 22.40
CA LEU A 373 -7.26 27.03 23.63
C LEU A 373 -8.45 26.09 23.51
N LEU A 374 -9.18 26.16 22.40
CA LEU A 374 -10.32 25.26 22.20
C LEU A 374 -9.88 23.81 22.20
N ASP A 375 -8.76 23.49 21.56
CA ASP A 375 -8.28 22.12 21.50
C ASP A 375 -7.87 21.62 22.88
N GLN A 376 -7.47 22.52 23.77
CA GLN A 376 -7.00 22.13 25.09
C GLN A 376 -8.13 22.06 26.11
N LEU A 377 -9.20 22.83 25.91
CA LEU A 377 -10.40 22.64 26.71
C LEU A 377 -11.12 21.34 26.34
N ALA A 378 -11.07 20.96 25.07
CA ALA A 378 -11.70 19.71 24.65
C ALA A 378 -10.94 18.51 25.15
N SER A 379 -9.60 18.59 25.17
CA SER A 379 -8.80 17.47 25.67
C SER A 379 -8.94 17.29 27.17
N HIS A 380 -9.36 18.33 27.90
CA HIS A 380 -9.50 18.25 29.35
C HIS A 380 -10.94 18.06 29.81
N PHE A 381 -11.93 18.41 28.98
CA PHE A 381 -13.32 18.37 29.37
C PHE A 381 -14.19 17.47 28.50
N ILE A 382 -13.74 17.10 27.29
CA ILE A 382 -14.57 16.34 26.37
C ILE A 382 -13.97 14.98 26.08
N GLU A 383 -12.70 14.96 25.66
CA GLU A 383 -12.12 13.82 24.98
C GLU A 383 -12.03 12.57 25.85
N ASN A 384 -12.41 12.68 27.12
CA ASN A 384 -12.44 11.50 27.98
C ASN A 384 -13.77 11.35 28.70
N LYS A 385 -14.81 12.05 28.23
CA LYS A 385 -16.13 11.94 28.86
C LYS A 385 -16.75 10.55 28.64
N TYR A 386 -16.73 10.05 27.41
CA TYR A 386 -17.28 8.74 27.08
C TYR A 386 -16.10 7.88 26.60
N ASN A 387 -15.70 6.94 27.43
CA ASN A 387 -14.53 6.09 27.15
C ASN A 387 -14.80 4.60 27.27
N ASP A 388 -16.03 4.21 27.56
CA ASP A 388 -16.42 2.81 27.53
C ASP A 388 -16.91 2.40 26.16
N LYS A 389 -17.02 3.35 25.24
CA LYS A 389 -17.44 3.09 23.87
C LYS A 389 -16.91 4.22 23.00
N PRO A 390 -16.76 3.99 21.70
CA PRO A 390 -16.35 5.10 20.82
C PRO A 390 -17.43 6.17 20.75
N PHE A 391 -16.98 7.39 20.48
CA PHE A 391 -17.89 8.52 20.38
C PHE A 391 -17.30 9.57 19.46
N PHE A 392 -18.17 10.39 18.88
CA PHE A 392 -17.75 11.44 17.96
C PHE A 392 -17.75 12.78 18.66
N ILE A 393 -16.72 13.58 18.38
CA ILE A 393 -16.71 15.02 18.67
C ILE A 393 -16.97 15.73 17.36
N VAL A 394 -17.99 16.59 17.33
CA VAL A 394 -18.55 17.05 16.07
C VAL A 394 -18.69 18.57 16.04
N GLU A 395 -18.81 19.10 14.83
CA GLU A 395 -19.14 20.51 14.58
C GLU A 395 -18.06 21.45 15.13
N HIS A 396 -16.82 21.17 14.77
CA HIS A 396 -15.71 21.99 15.22
C HIS A 396 -15.80 23.37 14.59
N PRO A 397 -15.41 24.42 15.32
CA PRO A 397 -15.33 25.76 14.72
C PRO A 397 -14.47 25.76 13.45
N GLN A 398 -14.83 26.62 12.50
CA GLN A 398 -14.08 26.68 11.26
C GLN A 398 -12.66 27.20 11.46
N ILE A 399 -12.39 27.89 12.57
CA ILE A 399 -11.02 28.29 12.88
C ILE A 399 -10.15 27.10 13.26
N MET A 400 -10.75 25.94 13.49
CA MET A 400 -10.03 24.71 13.76
C MET A 400 -10.01 23.77 12.56
N SER A 401 -10.68 24.12 11.47
CA SER A 401 -10.83 23.22 10.33
C SER A 401 -10.89 24.05 9.05
N PRO A 402 -9.74 24.46 8.52
CA PRO A 402 -9.75 25.35 7.35
C PRO A 402 -10.27 24.69 6.09
N LEU A 403 -10.16 23.36 5.97
CA LEU A 403 -10.62 22.65 4.78
C LEU A 403 -12.02 22.08 4.93
N ALA A 404 -12.67 22.28 6.07
CA ALA A 404 -14.02 21.77 6.29
C ALA A 404 -15.05 22.81 5.90
N LYS A 405 -16.11 22.36 5.23
CA LYS A 405 -17.15 23.27 4.78
C LYS A 405 -17.92 23.82 5.98
N TYR A 406 -18.33 25.08 5.87
CA TYR A 406 -19.11 25.74 6.92
C TYR A 406 -20.41 24.99 7.18
N HIS A 407 -20.83 25.01 8.44
CA HIS A 407 -22.07 24.37 8.85
C HIS A 407 -23.28 25.04 8.19
N ARG A 408 -24.31 24.24 7.90
CA ARG A 408 -25.46 24.75 7.16
C ARG A 408 -26.24 25.77 7.98
N THR A 409 -26.33 25.55 9.29
CA THR A 409 -27.18 26.36 10.15
C THR A 409 -26.45 27.03 11.30
N LYS A 410 -25.37 26.44 11.79
CA LYS A 410 -24.66 26.99 12.94
C LYS A 410 -23.50 27.85 12.46
N PRO A 411 -23.53 29.16 12.67
CA PRO A 411 -22.48 30.01 12.12
C PRO A 411 -21.17 29.85 12.86
N GLY A 412 -20.07 29.96 12.11
CA GLY A 412 -18.74 29.83 12.67
C GLY A 412 -18.29 28.40 12.90
N LEU A 413 -19.12 27.41 12.62
CA LEU A 413 -18.79 26.00 12.79
C LEU A 413 -18.70 25.31 11.43
N THR A 414 -18.24 24.06 11.46
CA THR A 414 -18.13 23.22 10.28
C THR A 414 -18.89 21.93 10.49
N GLU A 415 -18.97 21.13 9.43
CA GLU A 415 -19.58 19.80 9.48
C GLU A 415 -18.50 18.74 9.66
N ARG A 416 -17.78 18.85 10.77
CA ARG A 416 -16.63 18.00 11.04
C ARG A 416 -16.97 16.98 12.10
N LEU A 417 -16.34 15.81 12.00
CA LEU A 417 -16.50 14.74 12.98
C LEU A 417 -15.13 14.12 13.27
N GLU A 418 -14.93 13.75 14.52
CA GLU A 418 -13.71 13.07 14.96
C GLU A 418 -14.11 11.98 15.91
N MET A 419 -13.72 10.74 15.63
CA MET A 419 -14.08 9.61 16.47
C MET A 419 -12.94 9.33 17.43
N PHE A 420 -13.28 9.14 18.70
CA PHE A 420 -12.31 8.91 19.76
C PHE A 420 -12.49 7.52 20.33
N ILE A 421 -11.38 6.85 20.59
CA ILE A 421 -11.35 5.58 21.30
C ILE A 421 -10.38 5.74 22.46
N CYS A 422 -10.91 5.66 23.68
CA CYS A 422 -10.09 5.71 24.90
C CYS A 422 -9.26 6.98 24.97
N GLY A 423 -9.86 8.10 24.58
CA GLY A 423 -9.22 9.40 24.66
C GLY A 423 -8.27 9.73 23.53
N LYS A 424 -8.08 8.84 22.56
CA LYS A 424 -7.19 9.10 21.44
C LYS A 424 -8.02 9.19 20.17
N GLU A 425 -7.81 10.25 19.40
CA GLU A 425 -8.53 10.41 18.14
C GLU A 425 -8.06 9.36 17.15
N VAL A 426 -9.02 8.75 16.45
CA VAL A 426 -8.75 7.64 15.55
C VAL A 426 -9.25 7.90 14.14
N LEU A 427 -10.20 8.81 13.95
CA LEU A 427 -10.82 9.07 12.67
C LEU A 427 -11.05 10.57 12.55
N ASN A 428 -10.90 11.10 11.34
CA ASN A 428 -11.14 12.51 11.08
C ASN A 428 -11.85 12.64 9.74
N ALA A 429 -12.99 13.33 9.74
CA ALA A 429 -13.82 13.42 8.56
C ALA A 429 -14.63 14.71 8.61
N TYR A 430 -14.99 15.20 7.43
CA TYR A 430 -15.85 16.37 7.29
C TYR A 430 -16.29 16.51 5.84
N THR A 431 -17.34 17.29 5.64
CA THR A 431 -17.70 17.68 4.29
C THR A 431 -16.70 18.72 3.80
N GLU A 432 -16.30 18.57 2.54
CA GLU A 432 -15.15 19.30 2.05
C GLU A 432 -15.59 20.67 1.56
N LEU A 433 -14.84 21.69 1.96
CA LEU A 433 -15.09 23.02 1.44
C LEU A 433 -14.73 23.03 -0.04
N ASN A 434 -15.71 23.30 -0.89
CA ASN A 434 -15.52 23.23 -2.33
C ASN A 434 -15.66 24.59 -3.02
N ASP A 435 -16.00 25.63 -2.27
CA ASP A 435 -16.01 27.00 -2.82
C ASP A 435 -14.59 27.52 -2.83
N PRO A 436 -14.00 27.74 -4.01
CA PRO A 436 -12.61 28.22 -4.05
C PRO A 436 -12.46 29.62 -3.48
N PHE A 437 -13.52 30.43 -3.52
CA PHE A 437 -13.43 31.79 -2.98
C PHE A 437 -13.49 31.83 -1.46
N LYS A 438 -14.08 30.81 -0.84
CA LYS A 438 -14.10 30.70 0.62
C LYS A 438 -12.88 30.00 1.17
N GLN A 439 -12.01 29.49 0.30
CA GLN A 439 -10.75 28.89 0.72
C GLN A 439 -9.72 29.99 0.90
N LYS A 440 -9.56 30.45 2.15
CA LYS A 440 -8.64 31.55 2.43
C LYS A 440 -7.21 31.18 2.07
N GLU A 441 -6.88 29.89 2.09
CA GLU A 441 -5.53 29.43 1.80
C GLU A 441 -5.14 29.61 0.34
N CYS A 442 -6.10 29.86 -0.55
CA CYS A 442 -5.81 30.10 -1.96
C CYS A 442 -5.77 31.61 -2.20
N PHE A 443 -4.66 32.22 -1.78
CA PHE A 443 -4.46 33.66 -1.95
C PHE A 443 -3.77 33.96 -3.27
N ASP A 461 -0.03 22.98 -3.42
CA ASP A 461 -1.21 23.71 -2.98
C ASP A 461 -1.75 24.59 -4.10
N SER A 462 -0.87 24.96 -5.04
CA SER A 462 -1.30 25.81 -6.14
C SER A 462 -2.01 25.00 -7.21
N ALA A 463 -1.55 23.77 -7.48
CA ALA A 463 -2.25 22.89 -8.39
C ALA A 463 -3.63 22.53 -7.84
N PHE A 464 -3.75 22.40 -6.52
CA PHE A 464 -5.02 22.04 -5.91
C PHE A 464 -6.03 23.19 -5.99
N CYS A 465 -5.58 24.42 -5.73
CA CYS A 465 -6.48 25.57 -5.80
C CYS A 465 -7.02 25.76 -7.21
N THR A 466 -6.16 25.56 -8.22
CA THR A 466 -6.62 25.65 -9.60
C THR A 466 -7.67 24.60 -9.91
N SER A 467 -7.50 23.38 -9.38
CA SER A 467 -8.47 22.32 -9.61
C SER A 467 -9.81 22.65 -8.97
N LEU A 468 -9.81 23.32 -7.82
CA LEU A 468 -11.07 23.72 -7.18
C LEU A 468 -11.88 24.64 -8.08
N GLU A 469 -11.22 25.44 -8.92
CA GLU A 469 -11.93 26.33 -9.82
C GLU A 469 -12.57 25.61 -11.00
N TYR A 470 -12.19 24.35 -11.26
CA TYR A 470 -12.83 23.54 -12.28
C TYR A 470 -14.07 22.83 -11.76
N GLY A 471 -14.36 22.95 -10.46
CA GLY A 471 -15.57 22.39 -9.92
C GLY A 471 -15.37 21.12 -9.13
N LEU A 472 -15.30 21.23 -7.82
CA LEU A 472 -15.31 20.07 -6.94
C LEU A 472 -16.72 19.88 -6.43
N PRO A 473 -17.36 18.75 -6.70
CA PRO A 473 -18.74 18.55 -6.22
C PRO A 473 -18.77 18.50 -4.70
N PRO A 474 -19.94 18.62 -4.10
CA PRO A 474 -20.06 18.36 -2.66
C PRO A 474 -19.49 17.00 -2.31
N THR A 475 -18.54 16.99 -1.39
CA THR A 475 -17.72 15.82 -1.14
C THR A 475 -17.58 15.60 0.36
N GLY A 476 -17.55 14.33 0.76
CA GLY A 476 -17.21 13.95 2.12
C GLY A 476 -15.89 13.17 2.11
N GLY A 477 -14.95 13.65 2.93
CA GLY A 477 -13.67 12.99 3.07
C GLY A 477 -13.47 12.42 4.46
N LEU A 478 -12.62 11.40 4.58
CA LEU A 478 -12.41 10.73 5.85
C LEU A 478 -10.99 10.20 5.92
N GLY A 479 -10.40 10.28 7.11
CA GLY A 479 -9.07 9.75 7.34
C GLY A 479 -9.02 8.80 8.52
N LEU A 480 -8.36 7.66 8.35
CA LEU A 480 -8.25 6.65 9.40
C LEU A 480 -6.81 6.53 9.86
N GLY A 481 -6.62 6.39 11.17
CA GLY A 481 -5.32 6.09 11.71
C GLY A 481 -5.14 4.60 11.88
N ILE A 482 -4.50 3.94 10.93
CA ILE A 482 -4.42 2.49 10.93
C ILE A 482 -3.62 1.99 12.11
N ASP A 483 -2.50 2.66 12.42
CA ASP A 483 -1.65 2.22 13.53
C ASP A 483 -2.39 2.30 14.86
N ARG A 484 -3.09 3.42 15.11
CA ARG A 484 -3.82 3.55 16.36
C ARG A 484 -4.98 2.56 16.43
N ILE A 485 -5.66 2.32 15.31
CA ILE A 485 -6.73 1.32 15.29
C ILE A 485 -6.19 -0.07 15.62
N THR A 486 -5.02 -0.40 15.07
CA THR A 486 -4.40 -1.68 15.39
C THR A 486 -3.97 -1.74 16.86
N MET A 487 -3.56 -0.60 17.42
CA MET A 487 -3.20 -0.55 18.84
C MET A 487 -4.37 -1.01 19.72
N PHE A 488 -5.55 -0.45 19.49
CA PHE A 488 -6.69 -0.75 20.37
C PHE A 488 -7.22 -2.16 20.17
N LEU A 489 -7.15 -2.68 18.94
CA LEU A 489 -7.70 -3.99 18.65
C LEU A 489 -6.73 -5.13 18.95
N THR A 490 -5.46 -4.84 19.23
CA THR A 490 -4.51 -5.84 19.68
C THR A 490 -4.07 -5.61 21.12
N ASN A 491 -4.73 -4.70 21.83
CA ASN A 491 -4.47 -4.44 23.25
C ASN A 491 -3.03 -3.98 23.48
N LYS A 492 -2.62 -2.94 22.74
CA LYS A 492 -1.30 -2.36 22.87
C LYS A 492 -1.43 -0.91 23.31
N ASN A 493 -0.43 -0.45 24.06
CA ASN A 493 -0.40 0.92 24.57
C ASN A 493 0.58 1.82 23.82
N SER A 494 1.46 1.26 23.02
CA SER A 494 2.45 2.03 22.27
C SER A 494 2.32 1.70 20.79
N ILE A 495 2.51 2.72 19.95
CA ILE A 495 2.44 2.51 18.51
C ILE A 495 3.60 1.66 18.01
N LYS A 496 4.73 1.67 18.73
CA LYS A 496 5.87 0.83 18.36
C LYS A 496 5.56 -0.65 18.43
N ASP A 497 4.49 -1.04 19.13
CA ASP A 497 4.13 -2.44 19.28
C ASP A 497 3.28 -2.96 18.13
N VAL A 498 2.82 -2.09 17.22
CA VAL A 498 2.05 -2.50 16.06
C VAL A 498 2.77 -2.18 14.75
N ILE A 499 4.01 -1.73 14.82
CA ILE A 499 4.85 -1.47 13.65
C ILE A 499 6.01 -2.45 13.68
N LEU A 500 6.21 -3.15 12.56
CA LEU A 500 7.18 -4.24 12.54
C LEU A 500 8.58 -3.76 12.87
N PHE A 501 9.05 -2.71 12.19
CA PHE A 501 10.39 -2.17 12.37
C PHE A 501 10.30 -0.67 12.67
N PRO A 502 10.08 -0.30 13.93
CA PRO A 502 10.13 1.12 14.28
C PRO A 502 11.54 1.67 14.09
N THR A 503 11.62 2.87 13.52
CA THR A 503 12.90 3.50 13.28
C THR A 503 13.50 4.03 14.59
N MET A 504 14.71 3.57 14.91
CA MET A 504 15.39 3.97 16.14
C MET A 504 16.83 4.35 15.83
N ARG A 505 17.41 5.13 16.73
CA ARG A 505 18.80 5.51 16.60
C ARG A 505 19.71 4.31 16.87
N PRO A 506 20.72 4.07 16.04
CA PRO A 506 21.62 2.91 16.20
C PRO A 506 22.49 3.00 17.45
N VAL B 3 -14.95 33.70 -26.34
CA VAL B 3 -14.26 34.75 -25.59
C VAL B 3 -12.89 34.28 -25.16
N ASP B 4 -12.09 35.20 -24.65
CA ASP B 4 -10.76 34.86 -24.17
C ASP B 4 -10.87 34.05 -22.89
N PRO B 5 -10.00 33.05 -22.69
CA PRO B 5 -10.10 32.23 -21.47
C PRO B 5 -9.89 33.03 -20.20
N ARG B 6 -9.09 34.09 -20.24
CA ARG B 6 -8.98 34.97 -19.08
C ARG B 6 -10.30 35.68 -18.82
N LEU B 7 -10.96 36.17 -19.88
CA LEU B 7 -12.23 36.88 -19.70
C LEU B 7 -13.33 35.94 -19.23
N TYR B 8 -13.37 34.71 -19.76
CA TYR B 8 -14.40 33.76 -19.35
C TYR B 8 -14.32 33.45 -17.86
N PHE B 9 -13.10 33.33 -17.33
CA PHE B 9 -12.93 33.03 -15.92
C PHE B 9 -13.46 34.15 -15.03
N GLU B 10 -13.19 35.41 -15.42
CA GLU B 10 -13.65 36.53 -14.61
C GLU B 10 -15.16 36.68 -14.64
N ASN B 11 -15.79 36.31 -15.76
CA ASN B 11 -17.25 36.38 -15.82
C ASN B 11 -17.89 35.41 -14.84
N ARG B 12 -17.43 34.16 -14.84
CA ARG B 12 -17.99 33.18 -13.91
C ARG B 12 -17.64 33.50 -12.47
N SER B 13 -16.48 34.09 -12.22
CA SER B 13 -16.12 34.52 -10.88
C SER B 13 -17.03 35.64 -10.39
N LYS B 14 -17.24 36.66 -11.23
CA LYS B 14 -18.19 37.71 -10.87
C LYS B 14 -19.59 37.17 -10.74
N PHE B 15 -19.95 36.19 -11.58
CA PHE B 15 -21.27 35.57 -11.49
C PHE B 15 -21.47 34.89 -10.14
N ILE B 16 -20.43 34.23 -9.63
CA ILE B 16 -20.55 33.54 -8.35
C ILE B 16 -20.79 34.53 -7.22
N GLN B 17 -19.98 35.59 -7.15
CA GLN B 17 -20.21 36.59 -6.12
C GLN B 17 -21.44 37.43 -6.44
N ASP B 18 -21.75 37.60 -7.72
CA ASP B 18 -23.00 38.27 -8.04
C ASP B 18 -24.17 37.37 -7.67
N GLN B 19 -23.95 36.05 -7.61
CA GLN B 19 -25.10 35.27 -7.21
C GLN B 19 -25.15 35.13 -5.70
N LYS B 20 -24.01 35.34 -5.02
CA LYS B 20 -23.98 35.38 -3.56
C LYS B 20 -24.56 36.68 -3.04
N ASP B 21 -24.51 37.74 -3.85
CA ASP B 21 -25.09 39.01 -3.43
C ASP B 21 -26.61 38.97 -3.49
N LYS B 22 -27.17 38.17 -4.40
CA LYS B 22 -28.61 37.97 -4.45
C LYS B 22 -29.11 37.04 -3.36
N GLY B 23 -28.22 36.55 -2.48
CA GLY B 23 -28.61 35.71 -1.38
C GLY B 23 -28.46 34.22 -1.64
N ILE B 24 -28.08 33.83 -2.85
CA ILE B 24 -28.07 32.44 -3.26
C ILE B 24 -26.72 31.82 -2.94
N ASN B 25 -26.75 30.62 -2.36
CA ASN B 25 -25.53 29.87 -2.12
C ASN B 25 -25.26 28.98 -3.34
N PRO B 26 -24.27 29.31 -4.18
CA PRO B 26 -24.01 28.50 -5.37
C PRO B 26 -23.26 27.21 -5.10
N TYR B 27 -22.86 26.96 -3.85
CA TYR B 27 -22.22 25.72 -3.44
C TYR B 27 -23.04 25.09 -2.32
N PRO B 28 -24.17 24.46 -2.66
CA PRO B 28 -24.99 23.83 -1.61
C PRO B 28 -24.24 22.70 -0.92
N HIS B 29 -24.70 22.38 0.28
CA HIS B 29 -23.99 21.40 1.11
C HIS B 29 -24.26 19.97 0.67
N LYS B 30 -25.53 19.60 0.53
CA LYS B 30 -25.87 18.23 0.22
C LYS B 30 -26.99 18.15 -0.81
N PHE B 31 -26.85 17.23 -1.75
CA PHE B 31 -27.91 16.82 -2.67
C PHE B 31 -28.07 15.32 -2.55
N GLU B 32 -29.23 14.86 -2.11
CA GLU B 32 -29.45 13.45 -1.81
C GLU B 32 -29.72 12.70 -3.11
N ARG B 33 -28.69 12.08 -3.66
CA ARG B 33 -28.81 11.32 -4.89
C ARG B 33 -29.52 9.99 -4.64
N THR B 34 -30.34 9.58 -5.60
CA THR B 34 -31.04 8.30 -5.54
C THR B 34 -30.46 7.25 -6.47
N ILE B 35 -29.73 7.64 -7.51
CA ILE B 35 -29.22 6.69 -8.50
C ILE B 35 -28.00 7.31 -9.17
N SER B 36 -27.06 6.45 -9.56
CA SER B 36 -25.90 6.86 -10.31
C SER B 36 -26.16 6.76 -11.81
N ILE B 37 -25.31 7.45 -12.59
CA ILE B 37 -25.44 7.41 -14.04
C ILE B 37 -25.20 6.01 -14.60
N PRO B 38 -24.21 5.23 -14.14
CA PRO B 38 -24.13 3.84 -14.63
C PRO B 38 -25.35 3.01 -14.29
N GLU B 39 -25.85 3.10 -13.05
CA GLU B 39 -27.07 2.37 -12.68
C GLU B 39 -28.26 2.88 -13.49
N PHE B 40 -28.28 4.18 -13.80
CA PHE B 40 -29.37 4.74 -14.59
C PHE B 40 -29.35 4.19 -16.01
N ILE B 41 -28.16 4.01 -16.58
CA ILE B 41 -28.06 3.43 -17.92
C ILE B 41 -28.53 1.98 -17.92
N GLU B 42 -28.07 1.19 -16.93
CA GLU B 42 -28.41 -0.22 -16.91
C GLU B 42 -29.90 -0.43 -16.62
N LYS B 43 -30.48 0.41 -15.76
CA LYS B 43 -31.87 0.20 -15.35
C LYS B 43 -32.84 0.62 -16.44
N TYR B 44 -32.46 1.57 -17.30
CA TYR B 44 -33.37 2.15 -18.28
C TYR B 44 -32.81 2.03 -19.70
N LYS B 45 -31.93 1.06 -19.93
CA LYS B 45 -31.32 0.89 -21.25
C LYS B 45 -32.36 0.49 -22.28
N ASP B 46 -33.32 -0.34 -21.88
CA ASP B 46 -34.26 -0.98 -22.79
C ASP B 46 -35.64 -0.35 -22.73
N LEU B 47 -35.69 0.97 -22.62
CA LEU B 47 -36.97 1.64 -22.69
C LEU B 47 -37.36 1.87 -24.15
N GLY B 48 -38.63 2.13 -24.37
CA GLY B 48 -39.11 2.31 -25.73
C GLY B 48 -38.56 3.56 -26.38
N ASN B 49 -38.63 3.59 -27.71
CA ASN B 49 -38.18 4.76 -28.46
C ASN B 49 -39.21 5.87 -28.25
N GLY B 50 -38.90 6.79 -27.34
CA GLY B 50 -39.82 7.85 -26.97
C GLY B 50 -40.62 7.58 -25.72
N GLU B 51 -40.35 6.48 -25.03
CA GLU B 51 -41.09 6.12 -23.82
C GLU B 51 -40.70 7.03 -22.65
N HIS B 52 -41.70 7.49 -21.92
CA HIS B 52 -41.50 8.32 -20.73
C HIS B 52 -42.04 7.60 -19.51
N LEU B 53 -41.21 7.50 -18.47
CA LEU B 53 -41.65 7.01 -17.17
C LEU B 53 -41.86 8.19 -16.22
N GLU B 54 -42.93 8.96 -16.50
CA GLU B 54 -43.17 10.17 -15.73
C GLU B 54 -43.68 9.91 -14.33
N ASP B 55 -43.85 8.65 -13.94
CA ASP B 55 -44.28 8.33 -12.58
C ASP B 55 -43.10 8.10 -11.64
N THR B 56 -41.97 7.63 -12.16
CA THR B 56 -40.79 7.37 -11.35
C THR B 56 -39.91 8.62 -11.34
N ILE B 57 -39.75 9.22 -10.16
CA ILE B 57 -38.94 10.42 -9.99
C ILE B 57 -37.60 10.03 -9.40
N LEU B 58 -36.52 10.53 -9.98
CA LEU B 58 -35.16 10.19 -9.56
C LEU B 58 -34.35 11.46 -9.30
N ASN B 59 -33.37 11.33 -8.42
CA ASN B 59 -32.37 12.37 -8.16
C ASN B 59 -31.02 11.86 -8.66
N ILE B 60 -30.44 12.56 -9.63
CA ILE B 60 -29.19 12.15 -10.26
C ILE B 60 -28.23 13.33 -10.29
N THR B 61 -26.93 13.02 -10.31
CA THR B 61 -25.89 14.03 -10.34
C THR B 61 -24.94 13.73 -11.50
N GLY B 62 -24.07 14.70 -11.78
CA GLY B 62 -23.10 14.55 -12.84
C GLY B 62 -22.56 15.90 -13.26
N ARG B 63 -21.65 15.86 -14.24
CA ARG B 63 -21.04 17.06 -14.80
C ARG B 63 -21.59 17.28 -16.20
N ILE B 64 -21.97 18.53 -16.48
CA ILE B 64 -22.45 18.89 -17.81
C ILE B 64 -21.26 19.08 -18.74
N MET B 65 -21.24 18.33 -19.84
CA MET B 65 -20.16 18.41 -20.81
C MET B 65 -20.62 18.92 -22.17
N ARG B 66 -21.89 19.23 -22.33
CA ARG B 66 -22.38 19.76 -23.60
C ARG B 66 -23.70 20.49 -23.35
N VAL B 67 -23.88 21.61 -24.04
CA VAL B 67 -25.10 22.41 -23.97
C VAL B 67 -25.59 22.62 -25.39
N SER B 68 -26.90 22.53 -25.58
CA SER B 68 -27.50 22.65 -26.90
C SER B 68 -28.78 23.45 -26.84
N ALA B 69 -29.16 24.02 -27.98
CA ALA B 69 -30.36 24.83 -28.09
C ALA B 69 -31.41 24.15 -28.96
N GLN B 72 -34.83 28.41 -26.56
CA GLN B 72 -36.29 28.37 -26.54
C GLN B 72 -36.78 27.69 -25.26
N LYS B 73 -37.84 26.91 -25.38
CA LYS B 73 -38.38 26.13 -24.26
C LYS B 73 -37.85 24.71 -24.23
N LEU B 74 -36.94 24.35 -25.14
CA LEU B 74 -36.33 23.03 -25.17
C LEU B 74 -34.82 23.22 -25.04
N ARG B 75 -34.23 22.53 -24.05
CA ARG B 75 -32.78 22.59 -23.85
C ARG B 75 -32.23 21.18 -23.64
N PHE B 76 -31.00 20.98 -24.11
CA PHE B 76 -30.35 19.67 -24.13
C PHE B 76 -29.00 19.76 -23.46
N PHE B 77 -28.66 18.75 -22.67
CA PHE B 77 -27.38 18.69 -21.99
C PHE B 77 -26.84 17.26 -22.02
N ASP B 78 -25.52 17.14 -21.94
CA ASP B 78 -24.84 15.87 -21.74
C ASP B 78 -24.38 15.79 -20.29
N LEU B 79 -24.82 14.76 -19.58
CA LEU B 79 -24.48 14.56 -18.17
C LEU B 79 -23.51 13.38 -18.06
N VAL B 80 -22.32 13.65 -17.54
CA VAL B 80 -21.27 12.65 -17.44
C VAL B 80 -21.03 12.32 -15.98
N GLY B 81 -20.89 11.03 -15.68
CA GLY B 81 -20.59 10.57 -14.33
C GLY B 81 -20.06 9.15 -14.33
N ASP B 82 -18.97 8.93 -13.57
CA ASP B 82 -18.32 7.61 -13.48
C ASP B 82 -17.93 7.08 -14.85
N GLY B 83 -17.49 7.98 -15.72
CA GLY B 83 -17.02 7.60 -17.04
C GLY B 83 -18.11 7.29 -18.06
N GLU B 84 -19.37 7.51 -17.73
CA GLU B 84 -20.47 7.24 -18.64
C GLU B 84 -21.34 8.47 -18.77
N LYS B 85 -22.18 8.48 -19.80
CA LYS B 85 -22.84 9.71 -20.25
C LYS B 85 -24.30 9.45 -20.58
N ILE B 86 -25.17 10.38 -20.19
CA ILE B 86 -26.57 10.39 -20.59
C ILE B 86 -26.91 11.81 -21.05
N GLN B 87 -28.09 11.94 -21.65
CA GLN B 87 -28.60 13.22 -22.11
C GLN B 87 -29.56 13.80 -21.08
N VAL B 88 -29.56 15.14 -20.96
CA VAL B 88 -30.55 15.87 -20.19
C VAL B 88 -31.40 16.66 -21.17
N LEU B 89 -32.71 16.44 -21.13
CA LEU B 89 -33.65 17.17 -21.99
C LEU B 89 -34.59 17.93 -21.07
N ALA B 90 -34.31 19.22 -20.87
CA ALA B 90 -35.13 20.07 -20.03
C ALA B 90 -36.24 20.66 -20.88
N ASN B 91 -37.47 20.20 -20.67
CA ASN B 91 -38.63 20.66 -21.41
C ASN B 91 -39.47 21.56 -20.52
N TYR B 92 -39.95 22.66 -21.11
CA TYR B 92 -40.79 23.61 -20.37
C TYR B 92 -42.08 22.95 -19.89
N SER B 93 -42.54 21.90 -20.59
CA SER B 93 -43.78 21.24 -20.19
C SER B 93 -43.63 20.49 -18.87
N PHE B 94 -42.45 19.93 -18.60
CA PHE B 94 -42.23 19.13 -17.40
C PHE B 94 -41.59 19.92 -16.27
N HIS B 95 -41.19 21.17 -16.51
CA HIS B 95 -40.52 21.96 -15.50
C HIS B 95 -41.49 22.35 -14.39
N ASN B 96 -41.00 22.31 -13.14
CA ASN B 96 -41.78 22.72 -11.98
C ASN B 96 -41.56 24.21 -11.78
N HIS B 97 -42.48 25.03 -12.29
CA HIS B 97 -42.34 26.47 -12.22
C HIS B 97 -42.56 27.02 -10.81
N GLU B 98 -43.10 26.22 -9.90
CA GLU B 98 -43.23 26.65 -8.51
C GLU B 98 -41.86 26.79 -7.84
N LYS B 99 -40.88 26.00 -8.27
CA LYS B 99 -39.54 26.02 -7.68
C LYS B 99 -38.62 27.06 -8.30
N GLY B 100 -39.09 27.81 -9.29
CA GLY B 100 -38.25 28.83 -9.91
C GLY B 100 -38.50 28.98 -11.39
N ASN B 101 -37.88 29.98 -12.01
CA ASN B 101 -38.10 30.26 -13.43
C ASN B 101 -37.29 29.31 -14.31
N PHE B 102 -37.92 28.88 -15.40
CA PHE B 102 -37.25 27.92 -16.30
C PHE B 102 -36.05 28.57 -16.98
N ALA B 103 -36.24 29.76 -17.56
CA ALA B 103 -35.17 30.40 -18.31
C ALA B 103 -34.01 30.77 -17.41
N GLU B 104 -34.30 31.38 -16.27
CA GLU B 104 -33.23 31.86 -15.39
C GLU B 104 -32.42 30.71 -14.81
N CYS B 105 -33.03 29.54 -14.66
CA CYS B 105 -32.29 28.38 -14.18
C CYS B 105 -31.30 27.87 -15.22
N TYR B 106 -31.78 27.65 -16.45
CA TYR B 106 -30.98 26.98 -17.48
C TYR B 106 -30.13 27.92 -18.32
N ASP B 107 -30.30 29.25 -18.18
CA ASP B 107 -29.46 30.17 -18.93
C ASP B 107 -28.05 30.26 -18.35
N LYS B 108 -27.92 30.18 -17.03
CA LYS B 108 -26.62 30.33 -16.37
C LYS B 108 -25.76 29.08 -16.43
N ILE B 109 -26.31 27.94 -16.86
CA ILE B 109 -25.55 26.69 -16.87
C ILE B 109 -24.58 26.69 -18.03
N ARG B 110 -23.32 26.32 -17.75
CA ARG B 110 -22.29 26.20 -18.75
C ARG B 110 -21.66 24.81 -18.68
N ARG B 111 -20.82 24.51 -19.67
CA ARG B 111 -20.11 23.24 -19.72
C ARG B 111 -19.16 23.10 -18.53
N GLY B 112 -19.19 21.94 -17.89
CA GLY B 112 -18.33 21.67 -16.75
C GLY B 112 -19.00 21.83 -15.40
N ASP B 113 -20.18 22.44 -15.35
CA ASP B 113 -20.85 22.64 -14.07
C ASP B 113 -21.41 21.32 -13.54
N ILE B 114 -21.28 21.13 -12.23
CA ILE B 114 -21.82 19.96 -11.56
C ILE B 114 -23.21 20.31 -11.02
N VAL B 115 -24.20 19.48 -11.37
CA VAL B 115 -25.59 19.75 -11.01
C VAL B 115 -26.22 18.51 -10.40
N GLY B 116 -27.32 18.75 -9.67
CA GLY B 116 -28.21 17.71 -9.22
C GLY B 116 -29.56 17.91 -9.90
N ILE B 117 -30.13 16.82 -10.41
CA ILE B 117 -31.32 16.88 -11.24
C ILE B 117 -32.41 16.02 -10.61
N VAL B 118 -33.61 16.58 -10.47
CA VAL B 118 -34.80 15.84 -10.06
C VAL B 118 -35.67 15.71 -11.30
N GLY B 119 -35.80 14.49 -11.81
CA GLY B 119 -36.59 14.27 -12.99
C GLY B 119 -36.92 12.79 -13.16
N PHE B 120 -37.41 12.47 -14.35
CA PHE B 120 -37.83 11.09 -14.62
C PHE B 120 -37.06 10.52 -15.81
N PRO B 121 -36.92 9.20 -15.88
CA PRO B 121 -36.20 8.58 -16.99
C PRO B 121 -37.09 8.44 -18.23
N GLY B 122 -36.41 8.38 -19.37
CA GLY B 122 -37.10 8.23 -20.64
C GLY B 122 -36.18 8.34 -21.82
N LYS B 123 -36.61 7.89 -22.99
CA LYS B 123 -35.83 8.00 -24.21
C LYS B 123 -36.43 9.08 -25.11
N SER B 124 -35.55 9.73 -25.88
CA SER B 124 -35.97 10.79 -26.77
C SER B 124 -36.86 10.23 -27.88
N LYS B 125 -37.51 11.15 -28.60
CA LYS B 125 -38.23 10.74 -29.80
C LYS B 125 -37.30 10.18 -30.85
N LYS B 126 -36.03 10.57 -30.82
CA LYS B 126 -35.01 10.01 -31.70
C LYS B 126 -34.34 8.78 -31.12
N GLY B 127 -34.62 8.43 -29.86
CA GLY B 127 -34.07 7.25 -29.24
C GLY B 127 -32.77 7.48 -28.48
N GLU B 128 -32.67 8.60 -27.78
CA GLU B 128 -31.52 8.91 -26.93
C GLU B 128 -31.95 8.80 -25.48
N LEU B 129 -31.33 7.89 -24.74
CA LEU B 129 -31.67 7.70 -23.33
C LEU B 129 -31.35 8.98 -22.57
N SER B 130 -32.38 9.54 -21.92
CA SER B 130 -32.25 10.85 -21.31
C SER B 130 -32.92 10.87 -19.95
N ILE B 131 -32.50 11.82 -19.12
CA ILE B 131 -33.28 12.21 -17.95
C ILE B 131 -34.01 13.50 -18.26
N PHE B 132 -35.29 13.55 -17.93
CA PHE B 132 -36.11 14.72 -18.20
C PHE B 132 -36.30 15.48 -16.88
N PRO B 133 -35.58 16.57 -16.65
CA PRO B 133 -35.64 17.23 -15.34
C PRO B 133 -36.95 17.98 -15.14
N LYS B 134 -37.49 17.85 -13.93
CA LYS B 134 -38.47 18.79 -13.42
C LYS B 134 -37.81 19.91 -12.63
N GLU B 135 -36.60 19.69 -12.14
CA GLU B 135 -35.85 20.68 -11.37
C GLU B 135 -34.37 20.40 -11.56
N THR B 136 -33.59 21.47 -11.71
CA THR B 136 -32.14 21.38 -11.87
C THR B 136 -31.48 22.43 -11.01
N ILE B 137 -30.55 22.01 -10.15
CA ILE B 137 -29.87 22.89 -9.23
C ILE B 137 -28.36 22.80 -9.45
N LEU B 138 -27.70 23.95 -9.47
CA LEU B 138 -26.25 23.99 -9.59
C LEU B 138 -25.62 23.59 -8.26
N LEU B 139 -24.79 22.55 -8.29
CA LEU B 139 -24.07 22.10 -7.10
C LEU B 139 -22.66 22.67 -6.99
N SER B 140 -21.96 22.84 -8.12
CA SER B 140 -20.62 23.38 -8.10
C SER B 140 -20.30 23.92 -9.50
N ALA B 141 -19.90 25.19 -9.55
CA ALA B 141 -19.67 25.84 -10.85
C ALA B 141 -18.27 25.54 -11.36
N CYS B 142 -18.15 25.60 -12.69
CA CYS B 142 -16.87 25.46 -13.37
C CYS B 142 -16.43 26.82 -13.89
N LEU B 143 -15.44 27.38 -13.24
CA LEU B 143 -14.89 28.68 -13.58
C LEU B 143 -14.17 28.82 -14.90
N HIS B 144 -13.42 27.80 -15.27
CA HIS B 144 -12.65 27.82 -16.50
C HIS B 144 -13.36 27.22 -17.68
N MET B 145 -12.74 27.36 -18.83
CA MET B 145 -13.27 26.80 -20.04
C MET B 145 -12.61 25.46 -20.17
N LEU B 146 -13.39 24.43 -20.39
CA LEU B 146 -12.84 23.11 -20.53
C LEU B 146 -12.43 22.90 -21.96
N PRO B 147 -11.24 22.39 -22.16
CA PRO B 147 -10.75 22.14 -23.50
C PRO B 147 -11.35 20.90 -24.13
N MET B 148 -11.26 20.84 -25.45
CA MET B 148 -11.71 19.68 -26.20
C MET B 148 -10.62 18.62 -26.21
N LYS B 149 -11.00 17.38 -26.50
CA LYS B 149 -9.99 16.33 -26.50
C LYS B 149 -8.82 16.64 -27.42
N TYR B 150 -9.05 17.38 -28.50
CA TYR B 150 -7.93 17.87 -29.29
C TYR B 150 -7.02 18.76 -28.46
N GLY B 151 -7.61 19.55 -27.55
CA GLY B 151 -6.83 20.49 -26.75
C GLY B 151 -5.90 19.86 -25.74
N LEU B 152 -6.08 18.58 -25.42
CA LEU B 152 -5.21 17.89 -24.47
C LEU B 152 -4.30 16.87 -25.13
N LYS B 153 -4.46 16.60 -26.43
CA LYS B 153 -3.87 15.42 -27.05
C LYS B 153 -2.35 15.30 -26.95
N ASP B 154 -1.63 16.15 -27.67
CA ASP B 154 -0.16 16.19 -27.59
C ASP B 154 0.31 17.41 -26.79
N THR B 155 0.07 17.37 -25.48
CA THR B 155 0.66 18.36 -24.59
C THR B 155 1.00 17.71 -23.26
N GLU B 156 1.78 18.43 -22.46
CA GLU B 156 2.18 17.99 -21.13
C GLU B 156 1.13 18.29 -20.08
N ILE B 157 0.00 18.87 -20.49
CA ILE B 157 -1.04 19.24 -19.54
C ILE B 157 -1.77 18.00 -19.02
N ARG B 158 -1.72 16.90 -19.76
CA ARG B 158 -2.31 15.65 -19.27
C ARG B 158 -1.68 15.22 -17.95
N TYR B 159 -0.39 15.54 -17.75
CA TYR B 159 0.31 15.17 -16.52
C TYR B 159 0.21 16.26 -15.46
N ARG B 160 0.24 17.53 -15.87
CA ARG B 160 0.16 18.62 -14.91
C ARG B 160 -1.26 18.78 -14.36
N GLN B 161 -2.27 18.53 -15.18
CA GLN B 161 -3.67 18.54 -14.76
C GLN B 161 -4.28 17.20 -15.15
N ARG B 162 -4.07 16.20 -14.29
CA ARG B 162 -4.58 14.86 -14.60
C ARG B 162 -6.10 14.79 -14.50
N TYR B 163 -6.71 15.65 -13.68
CA TYR B 163 -8.16 15.61 -13.53
C TYR B 163 -8.87 15.97 -14.82
N LEU B 164 -8.30 16.88 -15.62
CA LEU B 164 -8.91 17.18 -16.92
C LEU B 164 -8.67 16.04 -17.92
N ASP B 165 -7.54 15.33 -17.80
CA ASP B 165 -7.33 14.15 -18.61
C ASP B 165 -8.38 13.08 -18.33
N LEU B 166 -8.68 12.86 -17.04
CA LEU B 166 -9.68 11.85 -16.68
C LEU B 166 -11.08 12.28 -17.09
N LEU B 167 -11.33 13.59 -17.15
CA LEU B 167 -12.65 14.06 -17.54
C LEU B 167 -12.86 14.03 -19.05
N ILE B 168 -11.83 14.33 -19.82
CA ILE B 168 -12.02 14.60 -21.25
C ILE B 168 -11.78 13.35 -22.11
N ASN B 169 -10.73 12.59 -21.83
CA ASN B 169 -10.37 11.45 -22.67
C ASN B 169 -10.72 10.15 -21.93
N GLU B 170 -11.65 9.39 -22.51
CA GLU B 170 -12.14 8.17 -21.84
C GLU B 170 -11.06 7.11 -21.66
N SER B 171 -10.06 7.09 -22.54
CA SER B 171 -9.01 6.08 -22.45
C SER B 171 -8.12 6.28 -21.22
N SER B 172 -8.04 7.49 -20.68
CA SER B 172 -7.17 7.73 -19.53
C SER B 172 -7.69 7.04 -18.28
N ARG B 173 -8.99 7.09 -18.09
CA ARG B 173 -9.66 6.46 -16.99
C ARG B 173 -9.52 4.95 -17.07
N HIS B 174 -9.55 4.41 -18.27
CA HIS B 174 -9.38 2.98 -18.51
C HIS B 174 -7.97 2.53 -18.14
N THR B 175 -6.96 3.36 -18.44
CA THR B 175 -5.59 3.02 -18.11
C THR B 175 -5.43 2.81 -16.61
N PHE B 176 -5.98 3.72 -15.80
CA PHE B 176 -5.79 3.65 -14.36
C PHE B 176 -6.75 2.68 -13.70
N VAL B 177 -7.90 2.40 -14.32
CA VAL B 177 -8.73 1.29 -13.86
C VAL B 177 -7.98 -0.03 -14.08
N THR B 178 -7.30 -0.16 -15.22
CA THR B 178 -6.53 -1.36 -15.49
C THR B 178 -5.38 -1.50 -14.49
N ARG B 179 -4.73 -0.38 -14.15
CA ARG B 179 -3.64 -0.41 -13.18
C ARG B 179 -4.11 -0.99 -11.85
N THR B 180 -5.24 -0.48 -11.34
CA THR B 180 -5.77 -0.96 -10.08
C THR B 180 -6.20 -2.42 -10.18
N LYS B 181 -6.75 -2.81 -11.34
CA LYS B 181 -7.11 -4.22 -11.55
C LYS B 181 -5.88 -5.11 -11.53
N ILE B 182 -4.75 -4.61 -12.03
CA ILE B 182 -3.51 -5.39 -12.00
C ILE B 182 -3.04 -5.59 -10.57
N ILE B 183 -3.02 -4.52 -9.77
CA ILE B 183 -2.54 -4.61 -8.40
C ILE B 183 -3.50 -5.45 -7.56
N ASN B 184 -4.81 -5.29 -7.77
CA ASN B 184 -5.78 -6.14 -7.10
C ASN B 184 -5.53 -7.62 -7.41
N PHE B 185 -5.29 -7.94 -8.68
CA PHE B 185 -5.06 -9.32 -9.07
C PHE B 185 -3.80 -9.87 -8.41
N LEU B 186 -2.74 -9.07 -8.36
CA LEU B 186 -1.49 -9.53 -7.76
C LEU B 186 -1.65 -9.80 -6.28
N ARG B 187 -2.30 -8.87 -5.56
CA ARG B 187 -2.51 -9.05 -4.12
C ARG B 187 -3.36 -10.30 -3.85
N ASN B 188 -4.41 -10.51 -4.63
CA ASN B 188 -5.24 -11.70 -4.47
C ASN B 188 -4.51 -12.96 -4.89
N PHE B 189 -3.67 -12.86 -5.92
CA PHE B 189 -2.86 -13.99 -6.36
C PHE B 189 -1.94 -14.47 -5.24
N LEU B 190 -1.31 -13.53 -4.52
CA LEU B 190 -0.42 -13.90 -3.43
C LEU B 190 -1.20 -14.38 -2.21
N ASN B 191 -2.29 -13.70 -1.87
CA ASN B 191 -3.07 -14.10 -0.71
C ASN B 191 -3.71 -15.47 -0.90
N GLU B 192 -4.04 -15.84 -2.15
CA GLU B 192 -4.59 -17.16 -2.42
C GLU B 192 -3.56 -18.26 -2.17
N ARG B 193 -2.26 -17.93 -2.24
CA ARG B 193 -1.20 -18.90 -2.05
C ARG B 193 -0.60 -18.83 -0.65
N GLY B 194 -1.28 -18.17 0.28
CA GLY B 194 -0.84 -18.13 1.66
C GLY B 194 0.15 -17.04 2.00
N PHE B 195 0.38 -16.08 1.10
CA PHE B 195 1.33 -15.01 1.37
C PHE B 195 0.71 -13.97 2.31
N PHE B 196 1.57 -13.33 3.09
CA PHE B 196 1.16 -12.43 4.17
C PHE B 196 1.72 -11.04 3.89
N GLU B 197 0.84 -10.05 3.76
CA GLU B 197 1.25 -8.69 3.42
C GLU B 197 1.65 -7.92 4.68
N VAL B 198 2.77 -7.19 4.58
CA VAL B 198 3.35 -6.46 5.71
C VAL B 198 3.77 -5.08 5.23
N GLU B 199 4.14 -4.24 6.21
CA GLU B 199 4.70 -2.92 5.95
C GLU B 199 6.06 -2.81 6.62
N THR B 200 7.07 -2.45 5.85
CA THR B 200 8.43 -2.22 6.29
C THR B 200 8.77 -0.74 6.14
N PRO B 201 9.71 -0.20 6.92
CA PRO B 201 9.94 1.25 6.89
C PRO B 201 10.35 1.72 5.51
N MET B 202 9.96 2.96 5.19
CA MET B 202 10.36 3.59 3.94
C MET B 202 11.65 4.40 4.08
N MET B 203 12.09 4.67 5.30
CA MET B 203 13.35 5.34 5.56
C MET B 203 14.22 4.46 6.43
N ASN B 204 15.50 4.39 6.09
CA ASN B 204 16.49 3.64 6.86
C ASN B 204 17.80 4.42 6.85
N LEU B 205 18.72 3.95 7.69
CA LEU B 205 20.00 4.60 7.94
C LEU B 205 21.09 4.18 6.98
N ILE B 206 20.87 3.11 6.22
CA ILE B 206 21.83 2.62 5.23
C ILE B 206 21.45 3.16 3.87
N ALA B 207 22.41 3.84 3.22
CA ALA B 207 22.19 4.41 1.91
C ALA B 207 21.92 3.35 0.85
N GLY B 208 21.63 3.78 -0.38
CA GLY B 208 21.32 2.84 -1.44
C GLY B 208 22.48 1.91 -1.74
N GLY B 209 22.16 0.80 -2.41
CA GLY B 209 23.16 -0.21 -2.66
C GLY B 209 23.55 -0.38 -4.12
N ALA B 210 24.74 0.12 -4.46
CA ALA B 210 25.48 -0.26 -5.67
C ALA B 210 24.76 0.11 -6.97
N ASN B 211 23.59 0.73 -6.89
CA ASN B 211 22.80 0.99 -8.09
C ASN B 211 22.55 2.47 -8.32
N ALA B 212 22.05 3.19 -7.32
CA ALA B 212 21.65 4.57 -7.51
C ALA B 212 21.94 5.39 -6.25
N ARG B 213 22.06 6.70 -6.45
CA ARG B 213 22.18 7.61 -5.32
C ARG B 213 20.87 7.62 -4.53
N PRO B 214 20.93 7.82 -3.23
CA PRO B 214 19.72 7.78 -2.41
C PRO B 214 19.06 9.15 -2.26
N PHE B 215 17.80 9.10 -1.86
CA PHE B 215 17.13 10.30 -1.38
C PHE B 215 17.47 10.49 0.09
N ILE B 216 17.99 11.67 0.43
CA ILE B 216 18.48 11.95 1.77
C ILE B 216 17.51 12.93 2.44
N THR B 217 17.06 12.58 3.63
CA THR B 217 16.16 13.43 4.40
C THR B 217 16.59 13.40 5.87
N HIS B 218 16.25 14.46 6.59
CA HIS B 218 16.68 14.64 7.97
C HIS B 218 15.52 14.33 8.90
N HIS B 219 15.73 13.39 9.81
CA HIS B 219 14.76 13.10 10.87
C HIS B 219 14.93 14.11 12.00
N ASN B 220 13.89 14.90 12.26
CA ASN B 220 14.02 15.99 13.22
C ASN B 220 14.11 15.48 14.66
N ASP B 221 13.31 14.46 15.00
CA ASP B 221 13.26 14.03 16.40
C ASP B 221 14.52 13.29 16.81
N LEU B 222 15.19 12.62 15.89
CA LEU B 222 16.43 11.93 16.18
C LEU B 222 17.65 12.71 15.76
N ASP B 223 17.47 13.84 15.06
CA ASP B 223 18.58 14.61 14.51
C ASP B 223 19.52 13.74 13.69
N LEU B 224 18.94 12.96 12.78
CA LEU B 224 19.69 12.05 11.93
C LEU B 224 19.30 12.25 10.47
N ASP B 225 20.26 11.99 9.59
CA ASP B 225 20.00 11.93 8.16
C ASP B 225 19.66 10.49 7.80
N LEU B 226 18.49 10.28 7.19
CA LEU B 226 18.04 8.96 6.80
C LEU B 226 17.87 8.91 5.29
N TYR B 227 17.70 7.69 4.78
CA TYR B 227 17.66 7.45 3.34
C TYR B 227 16.39 6.69 2.99
N LEU B 228 15.69 7.16 1.96
CA LEU B 228 14.52 6.44 1.49
C LEU B 228 14.94 5.07 0.95
N ARG B 229 14.11 4.06 1.19
CA ARG B 229 14.44 2.69 0.81
C ARG B 229 14.56 2.56 -0.70
N ILE B 230 15.63 1.89 -1.14
CA ILE B 230 15.74 1.52 -2.55
C ILE B 230 15.00 0.23 -2.85
N ALA B 231 14.68 -0.56 -1.82
CA ALA B 231 14.01 -1.85 -1.99
C ALA B 231 13.56 -2.32 -0.61
N THR B 232 12.64 -3.29 -0.61
CA THR B 232 12.17 -3.92 0.61
C THR B 232 12.86 -5.25 0.87
N GLU B 233 14.00 -5.49 0.23
CA GLU B 233 14.62 -6.81 0.24
C GLU B 233 15.05 -7.22 1.64
N LEU B 234 15.84 -6.36 2.32
CA LEU B 234 16.44 -6.78 3.58
C LEU B 234 15.42 -6.99 4.69
N PRO B 235 14.51 -6.05 4.99
CA PRO B 235 13.58 -6.29 6.10
C PRO B 235 12.62 -7.44 5.85
N LEU B 236 12.27 -7.72 4.59
CA LEU B 236 11.39 -8.85 4.30
C LEU B 236 12.08 -10.17 4.61
N LYS B 237 13.38 -10.28 4.31
CA LYS B 237 14.10 -11.49 4.64
C LYS B 237 14.24 -11.67 6.16
N MET B 238 14.36 -10.57 6.89
CA MET B 238 14.37 -10.66 8.36
C MET B 238 13.05 -11.22 8.88
N LEU B 239 11.95 -10.95 8.19
CA LEU B 239 10.67 -11.54 8.58
C LEU B 239 10.65 -13.04 8.31
N ILE B 240 11.32 -13.49 7.24
CA ILE B 240 11.45 -14.92 6.99
C ILE B 240 12.18 -15.59 8.15
N VAL B 241 13.24 -14.95 8.65
CA VAL B 241 13.90 -15.44 9.86
C VAL B 241 12.91 -15.47 11.02
N GLY B 242 12.05 -14.46 11.11
CA GLY B 242 11.05 -14.38 12.17
C GLY B 242 9.94 -15.40 12.10
N GLY B 243 9.90 -16.23 11.05
CA GLY B 243 8.91 -17.29 10.95
C GLY B 243 7.76 -17.00 10.03
N ILE B 244 7.69 -15.82 9.41
CA ILE B 244 6.67 -15.51 8.41
C ILE B 244 7.20 -16.06 7.10
N ASP B 245 6.88 -17.32 6.81
CA ASP B 245 7.51 -18.04 5.71
C ASP B 245 7.00 -17.62 4.33
N LYS B 246 5.89 -16.89 4.25
CA LYS B 246 5.39 -16.37 2.99
C LYS B 246 4.99 -14.92 3.23
N VAL B 247 5.84 -13.99 2.80
CA VAL B 247 5.70 -12.57 3.11
C VAL B 247 5.89 -11.75 1.83
N TYR B 248 5.21 -10.61 1.76
CA TYR B 248 5.35 -9.72 0.61
C TYR B 248 4.96 -8.30 0.99
N GLU B 249 5.34 -7.36 0.13
CA GLU B 249 5.02 -5.95 0.32
C GLU B 249 4.82 -5.30 -1.04
N ILE B 250 3.79 -4.47 -1.14
CA ILE B 250 3.52 -3.65 -2.32
C ILE B 250 3.59 -2.19 -1.90
N GLY B 251 4.61 -1.49 -2.36
CA GLY B 251 4.77 -0.10 -1.96
C GLY B 251 5.76 0.61 -2.85
N LYS B 252 6.10 1.83 -2.46
CA LYS B 252 7.00 2.67 -3.24
C LYS B 252 8.44 2.48 -2.79
N VAL B 253 9.35 2.53 -3.76
CA VAL B 253 10.78 2.51 -3.50
C VAL B 253 11.41 3.61 -4.35
N PHE B 254 12.60 4.04 -3.95
CA PHE B 254 13.16 5.29 -4.47
C PHE B 254 14.62 5.09 -4.91
N ARG B 255 14.94 5.66 -6.07
CA ARG B 255 16.29 5.66 -6.60
C ARG B 255 16.53 7.03 -7.23
N ASN B 256 17.36 7.85 -6.58
CA ASN B 256 17.53 9.26 -6.93
C ASN B 256 18.44 9.42 -8.15
N GLU B 257 17.88 9.06 -9.32
CA GLU B 257 18.63 9.12 -10.57
C GLU B 257 17.73 9.73 -11.65
N GLY B 258 18.21 9.70 -12.89
CA GLY B 258 17.56 10.42 -13.96
C GLY B 258 16.27 9.77 -14.43
N ILE B 259 15.34 10.61 -14.85
CA ILE B 259 14.04 10.17 -15.34
C ILE B 259 14.14 9.81 -16.82
N ASP B 260 13.47 8.73 -17.22
CA ASP B 260 13.28 8.40 -18.62
C ASP B 260 12.01 7.56 -18.75
N ASN B 261 11.71 7.14 -19.98
CA ASN B 261 10.44 6.51 -20.28
C ASN B 261 10.18 5.24 -19.49
N THR B 262 11.22 4.55 -19.01
CA THR B 262 11.05 3.33 -18.22
C THR B 262 11.68 3.41 -16.84
N HIS B 263 12.22 4.57 -16.45
CA HIS B 263 12.78 4.74 -15.12
C HIS B 263 12.16 5.96 -14.46
N ASN B 264 11.58 5.76 -13.28
CA ASN B 264 11.10 6.85 -12.46
C ASN B 264 11.76 6.77 -11.09
N PRO B 265 12.27 7.90 -10.56
CA PRO B 265 12.94 7.84 -9.24
C PRO B 265 12.05 7.29 -8.15
N GLU B 266 10.74 7.48 -8.25
CA GLU B 266 9.77 6.90 -7.34
C GLU B 266 8.87 5.96 -8.13
N PHE B 267 8.92 4.68 -7.81
CA PHE B 267 8.15 3.69 -8.55
C PHE B 267 7.60 2.63 -7.60
N THR B 268 6.57 1.93 -8.08
CA THR B 268 5.83 0.97 -7.26
C THR B 268 6.42 -0.43 -7.45
N SER B 269 6.79 -1.05 -6.34
CA SER B 269 7.41 -2.37 -6.36
C SER B 269 6.59 -3.37 -5.55
N CYS B 270 6.64 -4.63 -5.98
CA CYS B 270 6.16 -5.76 -5.18
C CYS B 270 7.29 -6.76 -5.05
N GLU B 271 7.64 -7.10 -3.81
CA GLU B 271 8.61 -8.13 -3.52
C GLU B 271 7.98 -9.15 -2.59
N PHE B 272 8.17 -10.44 -2.89
CA PHE B 272 7.77 -11.50 -1.97
C PHE B 272 8.96 -12.40 -1.69
N TYR B 273 8.92 -13.05 -0.52
CA TYR B 273 9.92 -14.03 -0.14
C TYR B 273 9.20 -15.29 0.31
N TRP B 274 9.71 -16.44 -0.13
CA TRP B 274 9.01 -17.70 -0.10
C TRP B 274 9.95 -18.76 0.46
N ALA B 275 9.80 -19.07 1.75
CA ALA B 275 10.68 -20.01 2.40
C ALA B 275 10.52 -21.40 1.79
N TYR B 276 11.64 -22.13 1.69
CA TYR B 276 11.71 -23.49 1.15
C TYR B 276 11.38 -23.54 -0.34
N ALA B 277 11.42 -22.39 -1.02
CA ALA B 277 11.27 -22.34 -2.46
C ALA B 277 12.63 -22.14 -3.12
N ASP B 278 12.76 -22.62 -4.36
CA ASP B 278 14.02 -22.48 -5.07
C ASP B 278 13.81 -21.83 -6.44
N TYR B 279 14.86 -21.86 -7.26
CA TYR B 279 14.85 -21.17 -8.54
C TYR B 279 13.71 -21.65 -9.44
N ASN B 280 13.41 -22.95 -9.38
CA ASN B 280 12.38 -23.49 -10.25
C ASN B 280 10.98 -23.09 -9.78
N ASP B 281 10.77 -22.98 -8.46
CA ASP B 281 9.49 -22.49 -7.98
C ASP B 281 9.23 -21.06 -8.41
N LEU B 282 10.29 -20.24 -8.43
CA LEU B 282 10.15 -18.84 -8.85
C LEU B 282 9.84 -18.74 -10.34
N ILE B 283 10.39 -19.65 -11.15
CA ILE B 283 10.09 -19.65 -12.58
C ILE B 283 8.62 -20.00 -12.83
N LYS B 284 8.16 -21.08 -12.20
CA LYS B 284 6.77 -21.49 -12.38
C LYS B 284 5.81 -20.44 -11.85
N TRP B 285 6.18 -19.75 -10.76
CA TRP B 285 5.34 -18.68 -10.24
C TRP B 285 5.20 -17.55 -11.25
N SER B 286 6.32 -17.15 -11.86
CA SER B 286 6.29 -16.06 -12.84
C SER B 286 5.44 -16.44 -14.05
N GLU B 287 5.64 -17.65 -14.58
CA GLU B 287 4.86 -18.09 -15.74
C GLU B 287 3.38 -18.20 -15.40
N ASP B 288 3.07 -18.64 -14.18
CA ASP B 288 1.67 -18.75 -13.76
C ASP B 288 1.04 -17.37 -13.60
N PHE B 289 1.76 -16.44 -12.96
CA PHE B 289 1.20 -15.12 -12.69
C PHE B 289 0.92 -14.37 -13.98
N PHE B 290 1.92 -14.25 -14.84
CA PHE B 290 1.79 -13.41 -16.02
C PHE B 290 0.76 -13.97 -17.01
N SER B 291 0.75 -15.30 -17.21
CA SER B 291 -0.24 -15.90 -18.09
C SER B 291 -1.65 -15.71 -17.54
N GLN B 292 -1.83 -15.96 -16.25
CA GLN B 292 -3.15 -15.80 -15.63
C GLN B 292 -3.55 -14.33 -15.54
N LEU B 293 -2.58 -13.43 -15.32
CA LEU B 293 -2.89 -12.01 -15.26
C LEU B 293 -3.38 -11.48 -16.60
N VAL B 294 -2.72 -11.90 -17.69
CA VAL B 294 -3.11 -11.43 -19.02
C VAL B 294 -4.47 -11.99 -19.40
N TYR B 295 -4.72 -13.26 -19.10
CA TYR B 295 -6.04 -13.84 -19.36
C TYR B 295 -7.12 -13.19 -18.51
N HIS B 296 -6.78 -12.80 -17.28
CA HIS B 296 -7.75 -12.15 -16.41
C HIS B 296 -8.21 -10.83 -16.99
N LEU B 297 -7.30 -10.09 -17.64
CA LEU B 297 -7.63 -8.77 -18.17
C LEU B 297 -8.21 -8.81 -19.58
N PHE B 298 -7.86 -9.81 -20.39
CA PHE B 298 -8.22 -9.81 -21.80
C PHE B 298 -8.96 -11.05 -22.26
N GLY B 299 -9.06 -12.10 -21.45
CA GLY B 299 -9.67 -13.32 -21.93
C GLY B 299 -8.83 -14.07 -22.94
N THR B 300 -7.57 -13.70 -23.10
CA THR B 300 -6.66 -14.36 -24.02
C THR B 300 -5.24 -14.17 -23.49
N TYR B 301 -4.33 -15.03 -23.96
CA TYR B 301 -2.93 -14.93 -23.59
C TYR B 301 -2.12 -14.05 -24.54
N LYS B 302 -2.72 -13.59 -25.63
CA LYS B 302 -2.05 -12.74 -26.61
C LYS B 302 -2.56 -11.31 -26.47
N ILE B 303 -1.62 -10.36 -26.46
CA ILE B 303 -1.95 -8.94 -26.44
C ILE B 303 -1.24 -8.25 -27.58
N SER B 304 -1.68 -7.04 -27.89
CA SER B 304 -1.03 -6.19 -28.88
C SER B 304 -0.35 -5.02 -28.16
N TYR B 305 0.84 -4.67 -28.61
CA TYR B 305 1.62 -3.61 -27.98
C TYR B 305 2.37 -2.82 -29.03
N ASN B 306 2.25 -1.50 -28.98
CA ASN B 306 2.93 -0.61 -29.92
C ASN B 306 4.31 -0.28 -29.34
N LYS B 307 5.23 -1.23 -29.51
CA LYS B 307 6.58 -1.09 -28.98
C LYS B 307 7.23 0.21 -29.46
N ASP B 308 7.12 0.50 -30.76
CA ASP B 308 7.69 1.70 -31.35
C ASP B 308 6.67 2.82 -31.52
N GLY B 309 5.63 2.85 -30.69
CA GLY B 309 4.70 3.95 -30.69
C GLY B 309 3.46 3.71 -31.53
N PRO B 310 2.41 4.49 -31.30
CA PRO B 310 1.19 4.33 -32.10
C PRO B 310 1.36 4.71 -33.55
N GLU B 311 2.31 5.58 -33.88
CA GLU B 311 2.65 5.84 -35.28
C GLU B 311 3.05 4.57 -36.02
N ASN B 312 3.70 3.63 -35.34
CA ASN B 312 4.27 2.45 -35.97
C ASN B 312 3.38 1.22 -35.77
N GLN B 313 3.70 0.17 -36.54
CA GLN B 313 2.96 -1.08 -36.46
C GLN B 313 3.20 -1.77 -35.12
N PRO B 314 2.17 -2.36 -34.52
CA PRO B 314 2.35 -3.03 -33.23
C PRO B 314 2.86 -4.46 -33.40
N ILE B 315 3.37 -5.01 -32.31
CA ILE B 315 3.75 -6.41 -32.23
C ILE B 315 2.79 -7.15 -31.31
N GLU B 316 2.64 -8.44 -31.55
CA GLU B 316 1.82 -9.31 -30.72
C GLU B 316 2.70 -10.00 -29.69
N ILE B 317 2.31 -9.91 -28.42
CA ILE B 317 3.05 -10.54 -27.33
C ILE B 317 2.21 -11.71 -26.82
N ASP B 318 2.78 -12.91 -26.88
CA ASP B 318 2.08 -14.13 -26.47
C ASP B 318 2.59 -14.54 -25.10
N PHE B 319 1.69 -14.57 -24.11
CA PHE B 319 2.02 -14.93 -22.75
C PHE B 319 1.70 -16.39 -22.43
N THR B 320 1.55 -17.22 -23.45
CA THR B 320 1.31 -18.64 -23.24
C THR B 320 2.55 -19.29 -22.65
N PRO B 321 2.47 -19.87 -21.45
CA PRO B 321 3.64 -20.54 -20.87
C PRO B 321 3.85 -21.89 -21.51
N PRO B 322 5.07 -22.44 -21.46
CA PRO B 322 6.26 -21.88 -20.80
C PRO B 322 7.01 -20.87 -21.64
N TYR B 323 7.86 -20.06 -20.98
CA TYR B 323 8.67 -19.04 -21.62
C TYR B 323 10.11 -19.51 -21.76
N PRO B 324 10.83 -19.05 -22.77
CA PRO B 324 12.22 -19.49 -22.96
C PRO B 324 13.12 -19.05 -21.82
N LYS B 325 14.13 -19.88 -21.54
CA LYS B 325 15.15 -19.58 -20.54
C LYS B 325 16.49 -19.49 -21.25
N VAL B 326 17.19 -18.37 -21.07
CA VAL B 326 18.43 -18.08 -21.75
C VAL B 326 19.51 -17.83 -20.71
N SER B 327 20.53 -18.69 -20.69
CA SER B 327 21.65 -18.52 -19.78
C SER B 327 22.58 -17.42 -20.30
N ILE B 328 22.89 -16.45 -19.44
CA ILE B 328 23.50 -15.21 -19.91
C ILE B 328 24.90 -15.45 -20.44
N VAL B 329 25.74 -16.14 -19.68
CA VAL B 329 27.14 -16.33 -20.09
C VAL B 329 27.21 -17.24 -21.29
N GLU B 330 26.48 -18.35 -21.26
CA GLU B 330 26.55 -19.34 -22.33
C GLU B 330 25.95 -18.81 -23.64
N GLU B 331 24.98 -17.90 -23.56
CA GLU B 331 24.41 -17.34 -24.78
C GLU B 331 25.27 -16.22 -25.34
N ILE B 332 25.89 -15.42 -24.47
CA ILE B 332 26.84 -14.42 -24.94
C ILE B 332 28.00 -15.10 -25.65
N GLU B 333 28.47 -16.23 -25.11
CA GLU B 333 29.54 -16.97 -25.76
C GLU B 333 29.09 -17.57 -27.07
N LYS B 334 27.80 -17.92 -27.18
CA LYS B 334 27.29 -18.48 -28.43
C LYS B 334 27.22 -17.42 -29.53
N VAL B 335 26.72 -16.22 -29.20
CA VAL B 335 26.54 -15.19 -30.21
C VAL B 335 27.82 -14.41 -30.52
N THR B 336 28.80 -14.42 -29.62
CA THR B 336 30.06 -13.71 -29.86
C THR B 336 31.18 -14.64 -30.32
N ASN B 337 30.96 -15.94 -30.35
CA ASN B 337 31.89 -16.97 -30.82
C ASN B 337 33.14 -17.06 -29.96
N THR B 338 33.15 -16.45 -28.78
CA THR B 338 34.28 -16.45 -27.88
C THR B 338 33.99 -17.39 -26.70
N ILE B 339 34.98 -17.50 -25.81
CA ILE B 339 34.83 -18.24 -24.56
C ILE B 339 35.43 -17.38 -23.45
N LEU B 340 34.62 -17.04 -22.46
CA LEU B 340 35.07 -16.21 -21.36
C LEU B 340 35.31 -17.09 -20.13
N GLU B 341 36.55 -17.09 -19.67
CA GLU B 341 37.10 -18.10 -18.78
C GLU B 341 36.84 -17.72 -17.32
N GLN B 342 37.57 -18.37 -16.41
CA GLN B 342 37.46 -18.32 -14.96
C GLN B 342 37.66 -16.88 -14.48
N PRO B 343 37.63 -16.60 -13.15
CA PRO B 343 36.85 -15.44 -12.65
C PRO B 343 36.71 -14.26 -13.59
N PHE B 344 35.45 -13.87 -13.83
CA PHE B 344 35.14 -12.86 -14.84
C PHE B 344 35.78 -11.52 -14.53
N ASP B 345 36.20 -11.27 -13.28
CA ASP B 345 36.96 -10.07 -12.97
C ASP B 345 38.44 -10.21 -13.28
N SER B 346 38.85 -11.31 -13.91
CA SER B 346 40.24 -11.45 -14.36
C SER B 346 40.60 -10.37 -15.37
N ASN B 347 41.86 -9.98 -15.36
CA ASN B 347 42.36 -9.02 -16.35
C ASN B 347 42.28 -9.58 -17.76
N GLU B 348 42.32 -10.91 -17.90
CA GLU B 348 42.25 -11.52 -19.23
C GLU B 348 40.83 -11.51 -19.78
N THR B 349 39.83 -11.78 -18.93
CA THR B 349 38.45 -11.80 -19.40
C THR B 349 37.89 -10.39 -19.55
N ILE B 350 38.27 -9.46 -18.67
CA ILE B 350 37.84 -8.08 -18.81
C ILE B 350 38.37 -7.48 -20.11
N GLU B 351 39.63 -7.80 -20.44
CA GLU B 351 40.17 -7.38 -21.73
C GLU B 351 39.40 -8.01 -22.88
N LYS B 352 38.96 -9.26 -22.71
CA LYS B 352 38.24 -9.94 -23.77
C LYS B 352 36.82 -9.38 -23.93
N MET B 353 36.18 -8.96 -22.83
CA MET B 353 34.85 -8.37 -22.92
C MET B 353 34.91 -6.98 -23.54
N ILE B 354 35.88 -6.17 -23.12
CA ILE B 354 36.04 -4.86 -23.73
C ILE B 354 36.45 -5.02 -25.19
N ASN B 355 37.23 -6.05 -25.51
CA ASN B 355 37.60 -6.28 -26.90
C ASN B 355 36.43 -6.79 -27.73
N ILE B 356 35.38 -7.28 -27.10
CA ILE B 356 34.16 -7.61 -27.84
C ILE B 356 33.31 -6.36 -28.05
N ILE B 357 33.25 -5.49 -27.04
CA ILE B 357 32.43 -4.28 -27.11
C ILE B 357 32.88 -3.40 -28.27
N LYS B 358 34.19 -3.18 -28.40
CA LYS B 358 34.68 -2.33 -29.49
C LYS B 358 34.92 -3.05 -30.82
N GLU B 359 35.57 -4.23 -30.84
CA GLU B 359 35.52 -5.08 -32.04
C GLU B 359 34.09 -5.32 -32.57
N HIS B 360 33.13 -5.73 -31.75
CA HIS B 360 31.83 -5.87 -32.41
C HIS B 360 31.19 -4.48 -32.51
N LYS B 361 29.87 -4.42 -32.73
CA LYS B 361 29.16 -3.15 -32.83
C LYS B 361 29.71 -2.16 -31.82
N ILE B 362 29.95 -0.93 -32.28
CA ILE B 362 30.71 0.08 -31.54
C ILE B 362 30.10 0.47 -30.20
N GLU B 363 29.03 -0.22 -29.80
CA GLU B 363 28.17 0.18 -28.69
C GLU B 363 28.98 0.59 -27.46
N LEU B 364 28.41 1.54 -26.74
CA LEU B 364 28.92 2.36 -25.64
C LEU B 364 29.73 1.64 -24.57
N PRO B 365 31.05 1.83 -24.54
CA PRO B 365 31.83 1.41 -23.37
C PRO B 365 31.34 2.14 -22.13
N ASN B 366 31.76 1.64 -20.98
CA ASN B 366 31.26 2.05 -19.67
C ASN B 366 32.40 2.24 -18.70
N PRO B 367 32.15 2.70 -17.47
CA PRO B 367 33.11 2.43 -16.40
C PRO B 367 33.33 0.93 -16.32
N PRO B 368 34.54 0.47 -16.61
CA PRO B 368 34.74 -0.97 -16.90
C PRO B 368 35.01 -1.90 -15.73
N THR B 369 34.01 -2.12 -14.87
CA THR B 369 34.10 -3.22 -13.91
C THR B 369 33.44 -4.45 -14.54
N ALA B 370 33.87 -5.63 -14.10
CA ALA B 370 33.48 -6.87 -14.79
C ALA B 370 31.97 -7.05 -14.88
N ALA B 371 31.24 -6.67 -13.82
CA ALA B 371 29.79 -6.83 -13.85
C ALA B 371 29.13 -5.89 -14.86
N LYS B 372 29.70 -4.71 -15.07
CA LYS B 372 29.11 -3.76 -16.02
C LYS B 372 29.34 -4.19 -17.46
N LEU B 373 30.51 -4.75 -17.78
CA LEU B 373 30.74 -5.24 -19.14
C LEU B 373 29.78 -6.39 -19.46
N LEU B 374 29.66 -7.34 -18.53
CA LEU B 374 28.72 -8.45 -18.73
C LEU B 374 27.29 -7.95 -18.87
N ASP B 375 26.91 -6.97 -18.05
CA ASP B 375 25.54 -6.46 -18.07
C ASP B 375 25.20 -5.78 -19.39
N GLN B 376 26.18 -5.19 -20.06
CA GLN B 376 25.92 -4.47 -21.31
C GLN B 376 26.10 -5.35 -22.54
N LEU B 377 26.90 -6.41 -22.44
CA LEU B 377 26.92 -7.40 -23.51
C LEU B 377 25.60 -8.16 -23.56
N ALA B 378 24.96 -8.34 -22.42
CA ALA B 378 23.65 -9.00 -22.39
C ALA B 378 22.58 -8.09 -23.00
N SER B 379 22.67 -6.79 -22.74
CA SER B 379 21.69 -5.84 -23.28
C SER B 379 21.81 -5.68 -24.79
N HIS B 380 22.96 -6.04 -25.37
CA HIS B 380 23.19 -5.90 -26.80
C HIS B 380 23.04 -7.20 -27.58
N PHE B 381 23.11 -8.34 -26.90
CA PHE B 381 23.10 -9.63 -27.58
C PHE B 381 21.97 -10.55 -27.19
N ILE B 382 21.31 -10.33 -26.05
CA ILE B 382 20.27 -11.23 -25.55
C ILE B 382 18.92 -10.53 -25.46
N GLU B 383 18.88 -9.37 -24.81
CA GLU B 383 17.64 -8.77 -24.32
C GLU B 383 16.66 -8.40 -25.43
N ASN B 384 17.02 -8.61 -26.69
CA ASN B 384 16.12 -8.34 -27.80
C ASN B 384 15.93 -9.55 -28.70
N LYS B 385 16.31 -10.74 -28.23
CA LYS B 385 16.10 -11.95 -29.01
C LYS B 385 14.62 -12.26 -29.16
N TYR B 386 13.85 -12.12 -28.07
CA TYR B 386 12.43 -12.44 -28.05
C TYR B 386 11.61 -11.20 -27.76
N ASN B 387 10.80 -10.79 -28.74
CA ASN B 387 9.88 -9.67 -28.57
C ASN B 387 8.43 -10.04 -28.79
N ASP B 388 8.16 -11.28 -29.21
CA ASP B 388 6.80 -11.81 -29.32
C ASP B 388 6.36 -12.59 -28.09
N LYS B 389 7.25 -12.82 -27.12
CA LYS B 389 6.88 -13.55 -25.92
C LYS B 389 7.84 -13.17 -24.81
N PRO B 390 7.43 -13.27 -23.56
CA PRO B 390 8.36 -13.05 -22.45
C PRO B 390 9.39 -14.17 -22.38
N PHE B 391 10.55 -13.85 -21.81
CA PHE B 391 11.59 -14.84 -21.63
C PHE B 391 12.46 -14.46 -20.44
N PHE B 392 13.10 -15.47 -19.85
CA PHE B 392 13.96 -15.28 -18.70
C PHE B 392 15.42 -15.32 -19.14
N ILE B 393 16.22 -14.43 -18.54
CA ILE B 393 17.68 -14.55 -18.57
C ILE B 393 18.10 -15.10 -17.22
N VAL B 394 18.85 -16.20 -17.23
CA VAL B 394 19.02 -17.01 -16.04
C VAL B 394 20.50 -17.30 -15.79
N GLU B 395 20.79 -17.70 -14.55
CA GLU B 395 22.11 -18.19 -14.13
C GLU B 395 23.17 -17.09 -14.27
N HIS B 396 22.85 -15.93 -13.72
CA HIS B 396 23.78 -14.81 -13.75
C HIS B 396 25.01 -15.11 -12.89
N PRO B 397 26.20 -14.69 -13.32
CA PRO B 397 27.39 -14.82 -12.48
C PRO B 397 27.18 -14.19 -11.12
N GLN B 398 27.82 -14.79 -10.10
CA GLN B 398 27.69 -14.25 -8.74
C GLN B 398 28.34 -12.89 -8.59
N ILE B 399 29.23 -12.51 -9.52
CA ILE B 399 29.80 -11.17 -9.51
C ILE B 399 28.77 -10.10 -9.86
N MET B 400 27.60 -10.48 -10.35
CA MET B 400 26.53 -9.55 -10.64
C MET B 400 25.38 -9.60 -9.64
N SER B 401 25.43 -10.52 -8.67
CA SER B 401 24.32 -10.71 -7.73
C SER B 401 24.87 -11.20 -6.40
N PRO B 402 25.35 -10.28 -5.56
CA PRO B 402 26.01 -10.70 -4.31
C PRO B 402 25.08 -11.38 -3.31
N LEU B 403 23.79 -11.11 -3.36
CA LEU B 403 22.84 -11.71 -2.41
C LEU B 403 22.18 -12.97 -2.95
N ALA B 404 22.53 -13.40 -4.16
CA ALA B 404 21.96 -14.60 -4.75
C ALA B 404 22.82 -15.82 -4.41
N LYS B 405 22.16 -16.93 -4.10
CA LYS B 405 22.87 -18.14 -3.72
C LYS B 405 23.65 -18.71 -4.90
N TYR B 406 24.83 -19.27 -4.59
CA TYR B 406 25.67 -19.87 -5.61
C TYR B 406 24.92 -20.99 -6.34
N HIS B 407 25.19 -21.13 -7.63
CA HIS B 407 24.55 -22.19 -8.41
C HIS B 407 24.97 -23.56 -7.90
N ARG B 408 24.03 -24.51 -7.95
CA ARG B 408 24.26 -25.82 -7.35
C ARG B 408 25.35 -26.59 -8.09
N THR B 409 25.42 -26.45 -9.41
CA THR B 409 26.33 -27.25 -10.21
C THR B 409 27.31 -26.44 -11.05
N LYS B 410 26.95 -25.22 -11.45
CA LYS B 410 27.81 -24.42 -12.30
C LYS B 410 28.58 -23.43 -11.46
N PRO B 411 29.91 -23.55 -11.37
CA PRO B 411 30.67 -22.66 -10.47
C PRO B 411 30.73 -21.24 -11.01
N GLY B 412 30.72 -20.29 -10.09
CA GLY B 412 30.75 -18.88 -10.44
C GLY B 412 29.44 -18.29 -10.88
N LEU B 413 28.38 -19.07 -10.96
CA LEU B 413 27.05 -18.59 -11.34
C LEU B 413 26.10 -18.68 -10.16
N THR B 414 24.91 -18.11 -10.34
CA THR B 414 23.87 -18.13 -9.32
C THR B 414 22.59 -18.71 -9.91
N GLU B 415 21.61 -18.92 -9.04
CA GLU B 415 20.28 -19.38 -9.45
C GLU B 415 19.33 -18.19 -9.58
N ARG B 416 19.70 -17.27 -10.46
CA ARG B 416 18.98 -16.02 -10.64
C ARG B 416 18.19 -16.04 -11.94
N LEU B 417 17.05 -15.36 -11.95
CA LEU B 417 16.23 -15.25 -13.14
C LEU B 417 15.75 -13.81 -13.29
N GLU B 418 15.66 -13.35 -14.54
CA GLU B 418 15.17 -12.01 -14.86
C GLU B 418 14.27 -12.14 -16.08
N MET B 419 13.03 -11.71 -15.96
CA MET B 419 12.06 -11.81 -17.06
C MET B 419 12.00 -10.51 -17.83
N PHE B 420 12.01 -10.62 -19.16
CA PHE B 420 12.02 -9.47 -20.04
C PHE B 420 10.75 -9.44 -20.89
N ILE B 421 10.22 -8.23 -21.07
CA ILE B 421 9.13 -7.97 -22.01
C ILE B 421 9.60 -6.84 -22.93
N CYS B 422 9.75 -7.15 -24.21
CA CYS B 422 10.14 -6.16 -25.22
C CYS B 422 11.46 -5.47 -24.84
N GLY B 423 12.42 -6.25 -24.34
CA GLY B 423 13.72 -5.71 -24.01
C GLY B 423 13.82 -4.98 -22.69
N LYS B 424 12.75 -4.92 -21.91
CA LYS B 424 12.74 -4.20 -20.64
C LYS B 424 12.62 -5.17 -19.48
N GLU B 425 13.45 -4.98 -18.46
CA GLU B 425 13.38 -5.82 -17.27
C GLU B 425 12.07 -5.58 -16.54
N VAL B 426 11.41 -6.67 -16.15
CA VAL B 426 10.13 -6.59 -15.47
C VAL B 426 10.09 -7.37 -14.17
N LEU B 427 10.96 -8.37 -14.00
CA LEU B 427 10.98 -9.23 -12.83
C LEU B 427 12.42 -9.57 -12.49
N ASN B 428 12.70 -9.68 -11.19
CA ASN B 428 14.03 -10.06 -10.71
C ASN B 428 13.86 -11.00 -9.54
N ALA B 429 14.49 -12.17 -9.62
CA ALA B 429 14.30 -13.21 -8.62
C ALA B 429 15.53 -14.10 -8.55
N TYR B 430 15.73 -14.71 -7.39
CA TYR B 430 16.78 -15.70 -7.17
C TYR B 430 16.56 -16.36 -5.82
N THR B 431 17.18 -17.54 -5.67
CA THR B 431 17.23 -18.15 -4.36
C THR B 431 18.23 -17.40 -3.50
N GLU B 432 17.87 -17.19 -2.24
CA GLU B 432 18.62 -16.25 -1.41
C GLU B 432 19.79 -16.95 -0.72
N LEU B 433 20.94 -16.30 -0.76
CA LEU B 433 22.11 -16.80 -0.05
C LEU B 433 21.86 -16.71 1.45
N ASN B 434 21.91 -17.85 2.13
CA ASN B 434 21.61 -17.92 3.56
C ASN B 434 22.79 -18.36 4.41
N ASP B 435 23.92 -18.71 3.79
CA ASP B 435 25.13 -19.00 4.54
C ASP B 435 25.78 -17.67 4.90
N PRO B 436 25.83 -17.31 6.19
CA PRO B 436 26.41 -16.00 6.57
C PRO B 436 27.90 -15.93 6.31
N PHE B 437 28.61 -17.05 6.33
CA PHE B 437 30.05 -17.04 6.11
C PHE B 437 30.41 -16.89 4.64
N LYS B 438 29.52 -17.27 3.73
CA LYS B 438 29.74 -17.05 2.30
C LYS B 438 29.26 -15.70 1.82
N GLN B 439 28.60 -14.92 2.68
CA GLN B 439 28.21 -13.55 2.36
C GLN B 439 29.40 -12.64 2.66
N LYS B 440 30.19 -12.35 1.63
CA LYS B 440 31.41 -11.57 1.81
C LYS B 440 31.13 -10.17 2.35
N GLU B 441 29.92 -9.63 2.09
CA GLU B 441 29.62 -8.28 2.52
C GLU B 441 29.49 -8.14 4.04
N CYS B 442 29.30 -9.24 4.77
CA CYS B 442 29.25 -9.16 6.22
C CYS B 442 30.56 -9.59 6.90
N PHE B 443 31.48 -10.22 6.17
CA PHE B 443 32.76 -10.61 6.74
C PHE B 443 33.79 -9.48 6.54
N ASP B 461 22.44 -2.58 7.18
CA ASP B 461 23.12 -3.74 6.59
C ASP B 461 23.68 -4.62 7.68
N SER B 462 23.94 -4.03 8.84
CA SER B 462 24.47 -4.79 9.97
C SER B 462 23.37 -5.56 10.69
N ALA B 463 22.18 -4.98 10.81
CA ALA B 463 21.05 -5.70 11.38
C ALA B 463 20.69 -6.91 10.53
N PHE B 464 20.82 -6.81 9.21
CA PHE B 464 20.47 -7.92 8.34
C PHE B 464 21.46 -9.07 8.46
N CYS B 465 22.76 -8.74 8.52
CA CYS B 465 23.78 -9.77 8.66
C CYS B 465 23.65 -10.51 9.98
N THR B 466 23.31 -9.78 11.03
CA THR B 466 23.08 -10.42 12.33
C THR B 466 21.90 -11.38 12.26
N SER B 467 20.85 -11.00 11.54
CA SER B 467 19.70 -11.87 11.40
C SER B 467 20.03 -13.14 10.63
N LEU B 468 20.94 -13.05 9.65
CA LEU B 468 21.37 -14.24 8.93
C LEU B 468 22.05 -15.23 9.86
N GLU B 469 22.71 -14.75 10.92
CA GLU B 469 23.36 -15.62 11.87
C GLU B 469 22.38 -16.35 12.78
N TYR B 470 21.12 -15.91 12.82
CA TYR B 470 20.10 -16.64 13.57
C TYR B 470 19.44 -17.73 12.73
N GLY B 471 19.77 -17.82 11.45
CA GLY B 471 19.27 -18.89 10.60
C GLY B 471 18.18 -18.44 9.65
N LEU B 472 18.56 -18.19 8.40
CA LEU B 472 17.59 -17.95 7.35
C LEU B 472 17.36 -19.24 6.58
N PRO B 473 16.15 -19.76 6.52
CA PRO B 473 15.91 -21.02 5.79
C PRO B 473 16.16 -20.84 4.31
N PRO B 474 16.27 -21.93 3.54
CA PRO B 474 16.32 -21.79 2.08
C PRO B 474 15.13 -20.98 1.58
N THR B 475 15.40 -19.90 0.86
CA THR B 475 14.35 -18.93 0.53
C THR B 475 14.49 -18.50 -0.92
N GLY B 476 13.35 -18.30 -1.57
CA GLY B 476 13.29 -17.69 -2.89
C GLY B 476 12.59 -16.34 -2.82
N GLY B 477 13.27 -15.32 -3.34
CA GLY B 477 12.71 -13.98 -3.40
C GLY B 477 12.46 -13.52 -4.81
N LEU B 478 11.53 -12.58 -4.99
CA LEU B 478 11.14 -12.13 -6.31
C LEU B 478 10.70 -10.67 -6.25
N GLY B 479 11.06 -9.91 -7.28
CA GLY B 479 10.65 -8.52 -7.38
C GLY B 479 9.98 -8.17 -8.69
N LEU B 480 8.87 -7.44 -8.63
CA LEU B 480 8.07 -7.08 -9.81
C LEU B 480 8.11 -5.58 -10.04
N GLY B 481 8.21 -5.19 -11.30
CA GLY B 481 8.04 -3.79 -11.68
C GLY B 481 6.62 -3.47 -12.07
N ILE B 482 5.85 -2.92 -11.13
CA ILE B 482 4.41 -2.74 -11.35
C ILE B 482 4.15 -1.71 -12.45
N ASP B 483 4.92 -0.62 -12.46
CA ASP B 483 4.69 0.42 -13.45
C ASP B 483 4.96 -0.07 -14.87
N ARG B 484 6.07 -0.79 -15.05
CA ARG B 484 6.40 -1.32 -16.38
C ARG B 484 5.39 -2.38 -16.81
N ILE B 485 4.94 -3.23 -15.88
CA ILE B 485 3.92 -4.22 -16.23
C ILE B 485 2.64 -3.52 -16.65
N THR B 486 2.26 -2.45 -15.94
CA THR B 486 1.09 -1.68 -16.33
C THR B 486 1.30 -0.99 -17.68
N MET B 487 2.53 -0.58 -17.97
CA MET B 487 2.83 0.01 -19.28
C MET B 487 2.49 -0.94 -20.41
N PHE B 488 2.94 -2.19 -20.31
CA PHE B 488 2.75 -3.14 -21.41
C PHE B 488 1.30 -3.58 -21.52
N LEU B 489 0.57 -3.65 -20.40
CA LEU B 489 -0.79 -4.13 -20.41
C LEU B 489 -1.81 -3.02 -20.72
N THR B 490 -1.38 -1.77 -20.74
CA THR B 490 -2.22 -0.66 -21.18
C THR B 490 -1.72 -0.03 -22.46
N ASN B 491 -0.74 -0.66 -23.13
CA ASN B 491 -0.22 -0.20 -24.42
C ASN B 491 0.33 1.22 -24.33
N LYS B 492 1.23 1.44 -23.37
CA LYS B 492 1.87 2.72 -23.18
C LYS B 492 3.38 2.60 -23.41
N ASN B 493 3.98 3.69 -23.87
CA ASN B 493 5.41 3.74 -24.15
C ASN B 493 6.18 4.52 -23.09
N SER B 494 5.49 5.26 -22.22
CA SER B 494 6.13 6.05 -21.18
C SER B 494 5.56 5.64 -19.83
N ILE B 495 6.43 5.60 -18.82
CA ILE B 495 5.99 5.27 -17.48
C ILE B 495 5.11 6.38 -16.92
N LYS B 496 5.28 7.61 -17.41
CA LYS B 496 4.46 8.73 -16.97
C LYS B 496 2.98 8.56 -17.34
N ASP B 497 2.67 7.65 -18.27
CA ASP B 497 1.30 7.45 -18.70
C ASP B 497 0.52 6.49 -17.80
N VAL B 498 1.19 5.83 -16.85
CA VAL B 498 0.51 4.92 -15.93
C VAL B 498 0.63 5.40 -14.48
N ILE B 499 1.14 6.61 -14.26
CA ILE B 499 1.24 7.21 -12.94
C ILE B 499 0.33 8.43 -12.92
N LEU B 500 -0.53 8.51 -11.90
CA LEU B 500 -1.56 9.54 -11.89
C LEU B 500 -0.96 10.94 -11.88
N PHE B 501 -0.01 11.19 -10.97
CA PHE B 501 0.64 12.49 -10.85
C PHE B 501 2.15 12.30 -10.96
N PRO B 502 2.67 12.20 -12.18
CA PRO B 502 4.13 12.16 -12.34
C PRO B 502 4.76 13.48 -11.93
N THR B 503 5.91 13.40 -11.25
CA THR B 503 6.59 14.60 -10.83
C THR B 503 7.17 15.31 -12.05
N MET B 504 6.85 16.59 -12.20
CA MET B 504 7.24 17.35 -13.37
C MET B 504 7.95 18.62 -12.96
N ARG B 505 8.73 19.17 -13.88
CA ARG B 505 9.40 20.43 -13.63
C ARG B 505 8.36 21.55 -13.60
N PRO B 506 8.34 22.39 -12.55
CA PRO B 506 7.36 23.47 -12.44
C PRO B 506 7.58 24.58 -13.45
#